data_5LQ0
#
_entry.id   5LQ0
#
_cell.length_a   56.450
_cell.length_b   63.470
_cell.length_c   268.910
_cell.angle_alpha   90.00
_cell.angle_beta   90.00
_cell.angle_gamma   90.00
#
_symmetry.space_group_name_H-M   'P 21 21 21'
#
loop_
_entity.id
_entity.type
_entity.pdbx_description
1 polymer 'Annexin A2'
2 non-polymer 'CALCIUM ION'
3 water water
#
_entity_poly.entity_id   1
_entity_poly.type   'polypeptide(L)'
_entity_poly.pdbx_seq_one_letter_code
;(ACE)STVHEILCKLSLEGDHSTPPSA(PTR)GSVKAYTNFDAERDALNIETAIKTKGVDEVTIVNILTNRSNEQRQDIA
FAYQRRTKKELASALKSALSGHLETVILGLLKTPAQYDASELKASMKGLGTDEDSLIEIICSRTNQELQEINRVYKEMYK
TDLEKDIISDTSGDFRKLMVALAKGRRAEDGSVIDYELIDQDARDLYDAGVKRKGTDVPKWISIMTERSVPHLQKVFDRY
KSYSPYDMLESIRKEVKGDLENAFLNLVQCIQNKPLYFADRLYDSMKGKGTRDKVLIRIMVSRSEVDMLKIRSEFKRKYG
KSLYYYIQQDTKGDYQKALLYLCGGDD
;
_entity_poly.pdbx_strand_id   A,B
#
loop_
_chem_comp.id
_chem_comp.type
_chem_comp.name
_chem_comp.formula
ACE non-polymer 'ACETYL GROUP' 'C2 H4 O'
CA non-polymer 'CALCIUM ION' 'Ca 2'
#
# COMPACT_ATOMS: atom_id res chain seq x y z
N ALA A 23 9.79 9.62 -38.73
CA ALA A 23 9.79 10.49 -39.90
C ALA A 23 10.69 11.70 -39.70
N PTR A 24 10.96 12.03 -38.43
CA PTR A 24 11.80 13.16 -38.09
C PTR A 24 13.08 12.75 -37.43
O PTR A 24 13.71 13.57 -36.72
CB PTR A 24 11.03 14.10 -37.17
CG PTR A 24 10.11 14.97 -37.97
CD1 PTR A 24 10.52 16.24 -38.37
CD2 PTR A 24 8.85 14.51 -38.33
CE1 PTR A 24 9.67 17.04 -39.11
CE2 PTR A 24 8.00 15.32 -39.07
CZ PTR A 24 8.41 16.59 -39.47
OH PTR A 24 7.57 17.38 -40.20
P PTR A 24 6.21 17.94 -39.55
O1P PTR A 24 5.30 16.72 -39.52
O2P PTR A 24 5.77 19.02 -40.50
O3P PTR A 24 6.62 18.43 -38.19
N GLY A 25 13.50 11.50 -37.64
CA GLY A 25 14.72 10.99 -37.06
C GLY A 25 15.95 11.42 -37.86
N SER A 26 17.12 11.36 -37.24
CA SER A 26 18.36 11.75 -37.90
C SER A 26 18.95 10.60 -38.69
N VAL A 27 18.88 9.40 -38.10
CA VAL A 27 19.39 8.21 -38.77
C VAL A 27 18.26 7.48 -39.52
N LYS A 28 18.40 7.42 -40.84
CA LYS A 28 17.41 6.77 -41.68
C LYS A 28 17.85 5.35 -42.00
N ALA A 29 16.94 4.55 -42.53
CA ALA A 29 17.28 3.20 -43.00
C ALA A 29 18.21 3.30 -44.20
N TYR A 30 19.30 2.55 -44.16
CA TYR A 30 20.25 2.56 -45.27
C TYR A 30 19.59 1.96 -46.50
N THR A 31 19.64 2.69 -47.61
CA THR A 31 18.98 2.29 -48.84
C THR A 31 19.56 1.00 -49.42
N ASN A 32 20.85 1.04 -49.76
CA ASN A 32 21.51 -0.14 -50.32
C ASN A 32 21.96 -1.11 -49.23
N PHE A 33 20.99 -1.66 -48.50
CA PHE A 33 21.30 -2.48 -47.34
C PHE A 33 21.52 -3.94 -47.67
N ASP A 34 22.58 -4.51 -47.11
CA ASP A 34 22.82 -5.94 -47.21
C ASP A 34 23.35 -6.47 -45.87
N ALA A 35 22.46 -7.17 -45.15
CA ALA A 35 22.75 -7.65 -43.81
C ALA A 35 23.94 -8.60 -43.78
N GLU A 36 24.08 -9.42 -44.80
CA GLU A 36 25.14 -10.42 -44.84
C GLU A 36 26.53 -9.79 -44.95
N ARG A 37 26.69 -8.87 -45.88
CA ARG A 37 27.97 -8.17 -46.02
C ARG A 37 28.30 -7.31 -44.83
N ASP A 38 27.27 -6.75 -44.20
CA ASP A 38 27.47 -5.94 -43.01
C ASP A 38 27.96 -6.83 -41.88
N ALA A 39 27.37 -8.01 -41.75
CA ALA A 39 27.77 -8.97 -40.73
C ALA A 39 29.18 -9.48 -40.99
N LEU A 40 29.53 -9.61 -42.27
CA LEU A 40 30.87 -10.02 -42.66
C LEU A 40 31.91 -8.97 -42.31
N ASN A 41 31.64 -7.73 -42.72
CA ASN A 41 32.52 -6.60 -42.46
C ASN A 41 32.67 -6.33 -40.97
N ILE A 42 31.61 -6.60 -40.21
CA ILE A 42 31.65 -6.43 -38.76
C ILE A 42 32.42 -7.55 -38.10
N GLU A 43 32.23 -8.78 -38.56
CA GLU A 43 33.01 -9.92 -38.08
C GLU A 43 34.50 -9.65 -38.30
N THR A 44 34.82 -9.16 -39.49
CA THR A 44 36.19 -8.81 -39.84
C THR A 44 36.72 -7.69 -38.96
N ALA A 45 35.91 -6.66 -38.76
CA ALA A 45 36.31 -5.51 -37.95
C ALA A 45 36.54 -5.89 -36.50
N ILE A 46 35.82 -6.92 -36.04
CA ILE A 46 35.98 -7.42 -34.67
C ILE A 46 37.24 -8.27 -34.55
N LYS A 47 37.42 -9.19 -35.50
CA LYS A 47 38.56 -10.10 -35.47
C LYS A 47 39.88 -9.39 -35.81
N THR A 48 39.79 -8.13 -36.21
CA THR A 48 40.97 -7.34 -36.55
C THR A 48 41.82 -7.08 -35.31
N LYS A 49 43.14 -7.05 -35.49
CA LYS A 49 44.07 -6.81 -34.39
C LYS A 49 43.90 -5.41 -33.82
N GLY A 50 43.69 -5.34 -32.51
CA GLY A 50 43.54 -4.06 -31.83
C GLY A 50 42.13 -3.50 -31.92
N VAL A 51 41.24 -4.27 -32.53
CA VAL A 51 39.82 -3.92 -32.73
C VAL A 51 39.63 -2.71 -33.64
N ASP A 52 38.76 -2.87 -34.64
CA ASP A 52 38.45 -1.80 -35.57
C ASP A 52 37.14 -1.10 -35.16
N GLU A 53 37.26 -0.08 -34.32
CA GLU A 53 36.09 0.63 -33.82
C GLU A 53 35.45 1.51 -34.90
N VAL A 54 36.28 2.08 -35.76
CA VAL A 54 35.83 3.00 -36.80
C VAL A 54 34.84 2.35 -37.77
N THR A 55 35.15 1.13 -38.22
CA THR A 55 34.29 0.41 -39.15
C THR A 55 32.95 0.08 -38.49
N ILE A 56 33.01 -0.40 -37.26
CA ILE A 56 31.81 -0.76 -36.51
C ILE A 56 30.89 0.44 -36.32
N VAL A 57 31.47 1.58 -35.94
CA VAL A 57 30.71 2.81 -35.80
C VAL A 57 30.09 3.23 -37.14
N ASN A 58 30.93 3.28 -38.17
CA ASN A 58 30.50 3.66 -39.52
C ASN A 58 29.33 2.82 -40.02
N ILE A 59 29.32 1.53 -39.67
CA ILE A 59 28.24 0.66 -40.09
C ILE A 59 27.00 0.85 -39.23
N LEU A 60 27.13 0.60 -37.92
CA LEU A 60 25.98 0.58 -37.03
C LEU A 60 25.27 1.92 -36.90
N THR A 61 26.00 3.02 -37.03
CA THR A 61 25.39 4.34 -36.88
C THR A 61 24.68 4.80 -38.14
N ASN A 62 24.82 4.05 -39.23
CA ASN A 62 24.15 4.37 -40.48
C ASN A 62 23.18 3.28 -40.90
N ARG A 63 22.75 2.48 -39.93
CA ARG A 63 21.73 1.46 -40.17
C ARG A 63 20.54 1.71 -39.23
N SER A 64 19.33 1.45 -39.72
CA SER A 64 18.15 1.56 -38.88
C SER A 64 18.16 0.43 -37.86
N ASN A 65 17.36 0.57 -36.81
CA ASN A 65 17.31 -0.41 -35.73
C ASN A 65 16.95 -1.80 -36.25
N GLU A 66 15.95 -1.86 -37.12
CA GLU A 66 15.51 -3.13 -37.70
C GLU A 66 16.61 -3.75 -38.55
N GLN A 67 17.32 -2.90 -39.29
CA GLN A 67 18.47 -3.35 -40.08
C GLN A 67 19.56 -3.88 -39.18
N ARG A 68 19.72 -3.25 -38.00
CA ARG A 68 20.69 -3.71 -37.02
C ARG A 68 20.30 -5.08 -36.47
N GLN A 69 18.98 -5.30 -36.34
CA GLN A 69 18.48 -6.61 -35.94
C GLN A 69 18.79 -7.65 -37.01
N ASP A 70 18.62 -7.26 -38.27
CA ASP A 70 18.94 -8.14 -39.39
C ASP A 70 20.43 -8.51 -39.39
N ILE A 71 21.28 -7.52 -39.13
CA ILE A 71 22.72 -7.74 -39.05
C ILE A 71 23.05 -8.67 -37.88
N ALA A 72 22.32 -8.51 -36.78
CA ALA A 72 22.50 -9.37 -35.61
C ALA A 72 22.17 -10.82 -35.94
N PHE A 73 21.07 -11.02 -36.67
CA PHE A 73 20.64 -12.36 -37.05
C PHE A 73 21.62 -12.99 -38.04
N ALA A 74 22.06 -12.22 -39.02
CA ALA A 74 23.02 -12.70 -40.02
C ALA A 74 24.34 -13.08 -39.36
N TYR A 75 24.80 -12.22 -38.46
CA TYR A 75 26.03 -12.46 -37.71
C TYR A 75 25.90 -13.71 -36.86
N GLN A 76 24.72 -13.90 -36.28
CA GLN A 76 24.46 -15.07 -35.45
C GLN A 76 24.49 -16.35 -36.28
N ARG A 77 23.85 -16.33 -37.45
CA ARG A 77 23.82 -17.51 -38.29
C ARG A 77 25.21 -17.83 -38.84
N ARG A 78 25.99 -16.78 -39.12
CA ARG A 78 27.32 -16.94 -39.68
C ARG A 78 28.34 -17.47 -38.67
N THR A 79 28.30 -16.93 -37.45
CA THR A 79 29.33 -17.25 -36.46
C THR A 79 28.82 -18.10 -35.29
N LYS A 80 27.50 -18.25 -35.19
CA LYS A 80 26.87 -18.99 -34.08
C LYS A 80 27.27 -18.41 -32.73
N LYS A 81 27.57 -17.12 -32.74
CA LYS A 81 27.75 -16.34 -31.53
C LYS A 81 26.98 -15.03 -31.70
N GLU A 82 26.31 -14.58 -30.65
CA GLU A 82 25.49 -13.38 -30.75
C GLU A 82 26.32 -12.12 -30.78
N LEU A 83 25.93 -11.21 -31.69
CA LEU A 83 26.68 -10.00 -31.97
C LEU A 83 26.92 -9.11 -30.75
N ALA A 84 25.90 -8.99 -29.90
CA ALA A 84 25.98 -8.16 -28.71
C ALA A 84 27.09 -8.62 -27.78
N SER A 85 27.25 -9.93 -27.65
CA SER A 85 28.30 -10.51 -26.82
C SER A 85 29.67 -10.20 -27.38
N ALA A 86 29.85 -10.46 -28.67
CA ALA A 86 31.12 -10.24 -29.35
C ALA A 86 31.54 -8.78 -29.29
N LEU A 87 30.57 -7.88 -29.38
CA LEU A 87 30.86 -6.45 -29.34
C LEU A 87 31.08 -5.96 -27.91
N LYS A 88 30.45 -6.63 -26.94
CA LYS A 88 30.67 -6.30 -25.54
C LYS A 88 32.06 -6.76 -25.14
N SER A 89 32.57 -7.77 -25.84
CA SER A 89 33.94 -8.23 -25.62
C SER A 89 34.94 -7.33 -26.34
N ALA A 90 34.60 -6.92 -27.56
CA ALA A 90 35.52 -6.20 -28.42
C ALA A 90 35.61 -4.71 -28.08
N LEU A 91 34.67 -4.20 -27.30
CA LEU A 91 34.63 -2.78 -26.99
C LEU A 91 34.70 -2.50 -25.49
N SER A 92 34.78 -1.21 -25.13
CA SER A 92 34.90 -0.82 -23.74
C SER A 92 34.34 0.58 -23.50
N GLY A 93 33.92 0.83 -22.26
CA GLY A 93 33.49 2.14 -21.83
C GLY A 93 32.26 2.71 -22.51
N HIS A 94 32.28 4.03 -22.71
CA HIS A 94 31.14 4.76 -23.26
C HIS A 94 30.75 4.28 -24.65
N LEU A 95 31.73 3.93 -25.48
CA LEU A 95 31.44 3.42 -26.81
C LEU A 95 30.75 2.07 -26.74
N GLU A 96 31.19 1.22 -25.81
CA GLU A 96 30.54 -0.05 -25.56
C GLU A 96 29.08 0.18 -25.16
N THR A 97 28.87 1.12 -24.26
CA THR A 97 27.53 1.48 -23.81
C THR A 97 26.65 1.91 -24.99
N VAL A 98 27.20 2.79 -25.84
CA VAL A 98 26.49 3.31 -27.00
C VAL A 98 26.10 2.20 -27.98
N ILE A 99 27.07 1.39 -28.37
CA ILE A 99 26.84 0.33 -29.34
C ILE A 99 25.85 -0.71 -28.82
N LEU A 100 26.08 -1.19 -27.59
CA LEU A 100 25.17 -2.15 -26.98
C LEU A 100 23.78 -1.55 -26.79
N GLY A 101 23.72 -0.22 -26.69
CA GLY A 101 22.45 0.47 -26.63
C GLY A 101 21.75 0.46 -27.98
N LEU A 102 22.52 0.64 -29.04
CA LEU A 102 21.99 0.68 -30.39
C LEU A 102 21.50 -0.69 -30.85
N LEU A 103 22.15 -1.75 -30.37
CA LEU A 103 21.82 -3.10 -30.80
C LEU A 103 20.45 -3.56 -30.31
N LYS A 104 20.02 -3.07 -29.16
CA LYS A 104 18.73 -3.45 -28.61
C LYS A 104 17.58 -2.79 -29.36
N THR A 105 16.43 -3.46 -29.39
CA THR A 105 15.21 -2.86 -29.91
C THR A 105 14.79 -1.74 -28.95
N PRO A 106 14.03 -0.75 -29.45
CA PRO A 106 13.58 0.37 -28.60
C PRO A 106 12.98 -0.06 -27.27
N ALA A 107 12.07 -1.04 -27.32
CA ALA A 107 11.44 -1.56 -26.12
C ALA A 107 12.46 -2.21 -25.19
N GLN A 108 13.35 -3.00 -25.77
CA GLN A 108 14.41 -3.67 -25.01
C GLN A 108 15.33 -2.67 -24.34
N TYR A 109 15.73 -1.64 -25.07
CA TYR A 109 16.62 -0.62 -24.55
C TYR A 109 15.97 0.16 -23.42
N ASP A 110 14.75 0.62 -23.65
CA ASP A 110 14.02 1.36 -22.63
C ASP A 110 13.81 0.52 -21.37
N ALA A 111 13.42 -0.73 -21.55
CA ALA A 111 13.20 -1.63 -20.42
C ALA A 111 14.49 -1.87 -19.64
N SER A 112 15.59 -2.08 -20.36
CA SER A 112 16.88 -2.32 -19.73
C SER A 112 17.34 -1.10 -18.93
N GLU A 113 17.13 0.09 -19.50
CA GLU A 113 17.46 1.34 -18.82
C GLU A 113 16.61 1.50 -17.56
N LEU A 114 15.34 1.15 -17.67
CA LEU A 114 14.43 1.22 -16.53
C LEU A 114 14.86 0.29 -15.40
N LYS A 115 15.25 -0.93 -15.76
CA LYS A 115 15.72 -1.89 -14.77
C LYS A 115 17.03 -1.42 -14.13
N ALA A 116 17.90 -0.83 -14.95
CA ALA A 116 19.18 -0.33 -14.47
C ALA A 116 18.99 0.85 -13.52
N SER A 117 17.93 1.61 -13.75
CA SER A 117 17.67 2.81 -12.95
C SER A 117 17.14 2.48 -11.56
N MET A 118 16.61 1.28 -11.38
CA MET A 118 16.00 0.90 -10.11
C MET A 118 16.98 0.16 -9.21
N LYS A 119 17.77 0.93 -8.46
CA LYS A 119 18.75 0.35 -7.54
C LYS A 119 18.33 0.55 -6.09
N GLY A 120 17.14 0.05 -5.76
CA GLY A 120 16.65 0.12 -4.39
C GLY A 120 16.35 1.53 -3.93
N LEU A 121 16.80 1.86 -2.71
CA LEU A 121 16.56 3.17 -2.12
C LEU A 121 17.40 4.24 -2.81
N GLY A 122 18.48 3.82 -3.46
CA GLY A 122 19.33 4.72 -4.21
C GLY A 122 18.97 4.73 -5.67
N THR A 123 17.68 4.61 -5.96
CA THR A 123 17.16 4.55 -7.32
C THR A 123 17.45 5.84 -8.09
N ASP A 124 17.94 5.70 -9.32
CA ASP A 124 18.12 6.83 -10.21
C ASP A 124 16.77 7.29 -10.73
N GLU A 125 16.16 8.22 -10.00
CA GLU A 125 14.80 8.66 -10.29
C GLU A 125 14.75 9.60 -11.49
N ASP A 126 15.91 10.17 -11.84
CA ASP A 126 16.01 11.07 -12.97
C ASP A 126 15.75 10.34 -14.29
N SER A 127 16.45 9.23 -14.49
CA SER A 127 16.28 8.42 -15.69
C SER A 127 14.87 7.84 -15.76
N LEU A 128 14.40 7.35 -14.61
CA LEU A 128 13.07 6.78 -14.49
C LEU A 128 12.01 7.78 -14.93
N ILE A 129 12.10 8.99 -14.40
CA ILE A 129 11.20 10.07 -14.79
C ILE A 129 11.32 10.38 -16.28
N GLU A 130 12.56 10.50 -16.76
CA GLU A 130 12.82 10.81 -18.16
C GLU A 130 12.15 9.83 -19.11
N ILE A 131 12.21 8.54 -18.79
CA ILE A 131 11.66 7.52 -19.66
C ILE A 131 10.14 7.40 -19.52
N ILE A 132 9.65 7.39 -18.29
CA ILE A 132 8.22 7.21 -18.07
C ILE A 132 7.40 8.40 -18.57
N CYS A 133 7.91 9.61 -18.37
CA CYS A 133 7.16 10.81 -18.73
C CYS A 133 7.13 11.11 -20.24
N SER A 134 8.12 10.62 -20.97
CA SER A 134 8.28 11.00 -22.37
C SER A 134 7.75 9.97 -23.37
N ARG A 135 7.47 8.76 -22.91
CA ARG A 135 7.04 7.69 -23.80
C ARG A 135 5.52 7.69 -24.01
N THR A 136 5.11 7.26 -25.20
CA THR A 136 3.70 7.25 -25.57
C THR A 136 3.00 5.95 -25.17
N ASN A 137 1.70 5.88 -25.44
CA ASN A 137 0.88 4.72 -25.07
C ASN A 137 1.39 3.40 -25.69
N GLN A 138 1.65 3.41 -26.99
CA GLN A 138 2.14 2.23 -27.68
C GLN A 138 3.49 1.78 -27.13
N GLU A 139 4.41 2.74 -27.04
CA GLU A 139 5.74 2.49 -26.52
C GLU A 139 5.70 1.87 -25.12
N LEU A 140 4.85 2.43 -24.26
CA LEU A 140 4.71 1.93 -22.90
C LEU A 140 4.07 0.55 -22.85
N GLN A 141 3.08 0.32 -23.72
CA GLN A 141 2.44 -0.98 -23.82
C GLN A 141 3.43 -2.06 -24.22
N GLU A 142 4.33 -1.72 -25.14
CA GLU A 142 5.36 -2.66 -25.57
C GLU A 142 6.41 -2.86 -24.47
N ILE A 143 6.76 -1.76 -23.79
CA ILE A 143 7.76 -1.78 -22.74
C ILE A 143 7.33 -2.65 -21.56
N ASN A 144 6.07 -2.55 -21.15
CA ASN A 144 5.57 -3.38 -20.06
C ASN A 144 5.71 -4.87 -20.37
N ARG A 145 5.25 -5.25 -21.56
CA ARG A 145 5.31 -6.64 -22.01
C ARG A 145 6.76 -7.14 -22.07
N VAL A 146 7.61 -6.39 -22.75
CA VAL A 146 9.01 -6.78 -22.91
C VAL A 146 9.73 -6.87 -21.56
N TYR A 147 9.42 -5.93 -20.67
CA TYR A 147 9.98 -5.91 -19.32
C TYR A 147 9.58 -7.17 -18.57
N LYS A 148 8.30 -7.52 -18.66
CA LYS A 148 7.78 -8.72 -18.01
C LYS A 148 8.42 -9.98 -18.58
N GLU A 149 8.72 -9.97 -19.87
CA GLU A 149 9.36 -11.11 -20.52
C GLU A 149 10.84 -11.20 -20.18
N MET A 150 11.44 -10.06 -19.88
CA MET A 150 12.88 -9.98 -19.64
C MET A 150 13.26 -10.28 -18.20
N TYR A 151 12.44 -9.82 -17.26
CA TYR A 151 12.80 -9.94 -15.85
C TYR A 151 11.75 -10.70 -15.05
N LYS A 152 10.85 -11.38 -15.76
CA LYS A 152 9.83 -12.25 -15.17
C LYS A 152 9.01 -11.55 -14.08
N THR A 153 8.93 -10.22 -14.18
CA THR A 153 8.23 -9.41 -13.19
C THR A 153 7.70 -8.14 -13.85
N ASP A 154 6.44 -7.83 -13.61
CA ASP A 154 5.82 -6.64 -14.20
C ASP A 154 6.53 -5.37 -13.75
N LEU A 155 6.51 -4.35 -14.61
CA LEU A 155 7.18 -3.08 -14.33
C LEU A 155 6.56 -2.38 -13.12
N GLU A 156 5.25 -2.55 -12.96
CA GLU A 156 4.51 -1.89 -11.90
C GLU A 156 4.99 -2.32 -10.52
N LYS A 157 5.26 -3.61 -10.35
CA LYS A 157 5.75 -4.14 -9.07
C LYS A 157 7.06 -3.48 -8.67
N ASP A 158 7.96 -3.34 -9.64
CA ASP A 158 9.26 -2.73 -9.39
C ASP A 158 9.14 -1.22 -9.14
N ILE A 159 8.20 -0.58 -9.84
CA ILE A 159 7.95 0.84 -9.62
C ILE A 159 7.46 1.07 -8.19
N ILE A 160 6.54 0.22 -7.75
CA ILE A 160 6.04 0.28 -6.37
C ILE A 160 7.18 -0.01 -5.39
N SER A 161 8.04 -0.95 -5.74
CA SER A 161 9.14 -1.36 -4.87
C SER A 161 10.21 -0.28 -4.71
N ASP A 162 10.39 0.54 -5.73
CA ASP A 162 11.49 1.50 -5.74
C ASP A 162 11.05 2.96 -5.64
N THR A 163 9.74 3.18 -5.55
CA THR A 163 9.20 4.54 -5.38
C THR A 163 8.23 4.58 -4.21
N SER A 164 7.72 5.77 -3.91
CA SER A 164 6.82 5.92 -2.76
C SER A 164 5.94 7.17 -2.86
N GLY A 165 4.75 7.08 -2.28
CA GLY A 165 3.85 8.22 -2.16
C GLY A 165 3.17 8.67 -3.44
N ASP A 166 2.78 9.94 -3.47
CA ASP A 166 2.11 10.54 -4.62
C ASP A 166 2.99 10.45 -5.86
N PHE A 167 4.30 10.50 -5.66
CA PHE A 167 5.24 10.32 -6.75
C PHE A 167 5.07 8.93 -7.36
N ARG A 168 5.05 7.91 -6.50
CA ARG A 168 4.80 6.54 -6.93
C ARG A 168 3.50 6.46 -7.71
N LYS A 169 2.44 7.03 -7.14
CA LYS A 169 1.13 7.02 -7.78
C LYS A 169 1.18 7.61 -9.19
N LEU A 170 1.89 8.72 -9.33
CA LEU A 170 2.03 9.39 -10.62
C LEU A 170 2.80 8.53 -11.62
N MET A 171 3.92 7.97 -11.19
CA MET A 171 4.74 7.12 -12.06
C MET A 171 3.98 5.88 -12.51
N VAL A 172 3.23 5.28 -11.59
CA VAL A 172 2.41 4.11 -11.89
C VAL A 172 1.32 4.46 -12.89
N ALA A 173 0.67 5.60 -12.66
CA ALA A 173 -0.39 6.07 -13.55
C ALA A 173 0.16 6.27 -14.97
N LEU A 174 1.28 6.96 -15.08
CA LEU A 174 1.90 7.22 -16.38
C LEU A 174 2.35 5.93 -17.07
N ALA A 175 2.99 5.04 -16.31
CA ALA A 175 3.57 3.82 -16.86
C ALA A 175 2.53 2.82 -17.30
N LYS A 176 1.29 2.98 -16.83
CA LYS A 176 0.21 2.11 -17.26
C LYS A 176 -0.03 2.24 -18.76
N GLY A 177 0.28 3.42 -19.29
CA GLY A 177 0.24 3.67 -20.72
C GLY A 177 -1.14 3.51 -21.33
N ARG A 178 -2.16 3.97 -20.61
CA ARG A 178 -3.52 3.92 -21.11
C ARG A 178 -4.11 5.32 -21.22
N ARG A 179 -3.24 6.29 -21.48
CA ARG A 179 -3.66 7.66 -21.71
C ARG A 179 -4.65 7.73 -22.88
N ALA A 180 -5.67 8.57 -22.75
CA ALA A 180 -6.65 8.74 -23.82
C ALA A 180 -5.97 9.25 -25.09
N GLU A 181 -6.41 8.72 -26.22
CA GLU A 181 -5.91 9.05 -27.56
C GLU A 181 -6.53 10.32 -28.09
N ASP A 182 -5.86 11.00 -29.00
CA ASP A 182 -6.37 12.25 -29.52
C ASP A 182 -7.63 12.04 -30.36
N GLY A 183 -8.76 12.44 -29.79
CA GLY A 183 -10.06 12.24 -30.43
C GLY A 183 -10.34 13.16 -31.59
N SER A 184 -11.03 12.60 -32.58
CA SER A 184 -11.56 13.31 -33.75
C SER A 184 -11.88 14.78 -33.54
N VAL A 185 -12.60 15.07 -32.46
CA VAL A 185 -13.09 16.42 -32.19
C VAL A 185 -12.39 17.04 -30.99
N ILE A 186 -12.19 18.34 -31.04
CA ILE A 186 -11.59 19.07 -29.93
C ILE A 186 -12.65 19.48 -28.92
N ASP A 187 -12.44 19.11 -27.66
CA ASP A 187 -13.40 19.38 -26.61
C ASP A 187 -12.98 20.59 -25.78
N TYR A 188 -13.30 21.78 -26.28
CA TYR A 188 -12.90 23.03 -25.62
C TYR A 188 -13.56 23.21 -24.26
N GLU A 189 -14.78 22.69 -24.11
CA GLU A 189 -15.50 22.77 -22.84
C GLU A 189 -14.79 21.98 -21.76
N LEU A 190 -14.39 20.75 -22.10
CA LEU A 190 -13.65 19.90 -21.18
C LEU A 190 -12.28 20.49 -20.88
N ILE A 191 -11.73 21.22 -21.85
CA ILE A 191 -10.48 21.93 -21.66
C ILE A 191 -10.63 22.99 -20.58
N ASP A 192 -11.66 23.82 -20.73
CA ASP A 192 -11.97 24.87 -19.76
C ASP A 192 -12.20 24.28 -18.36
N GLN A 193 -13.02 23.23 -18.29
CA GLN A 193 -13.33 22.60 -17.02
C GLN A 193 -12.10 21.98 -16.38
N ASP A 194 -11.19 21.48 -17.22
CA ASP A 194 -9.95 20.89 -16.72
C ASP A 194 -9.03 21.98 -16.16
N ALA A 195 -8.97 23.12 -16.83
CA ALA A 195 -8.18 24.25 -16.34
C ALA A 195 -8.73 24.72 -14.99
N ARG A 196 -10.05 24.85 -14.92
CA ARG A 196 -10.72 25.22 -13.67
C ARG A 196 -10.40 24.23 -12.56
N ASP A 197 -10.49 22.94 -12.87
CA ASP A 197 -10.20 21.91 -11.88
C ASP A 197 -8.75 21.96 -11.41
N LEU A 198 -7.84 22.28 -12.32
CA LEU A 198 -6.42 22.37 -11.99
C LEU A 198 -6.14 23.56 -11.09
N TYR A 199 -6.80 24.69 -11.35
CA TYR A 199 -6.59 25.87 -10.54
C TYR A 199 -7.23 25.71 -9.15
N ASP A 200 -8.42 25.13 -9.11
CA ASP A 200 -9.14 24.94 -7.85
C ASP A 200 -8.44 23.96 -6.93
N ALA A 201 -7.75 22.98 -7.51
CA ALA A 201 -7.10 21.94 -6.73
C ALA A 201 -5.65 22.28 -6.44
N GLY A 202 -5.20 23.44 -6.89
CA GLY A 202 -3.82 23.84 -6.71
C GLY A 202 -3.62 25.17 -6.01
N VAL A 203 -3.56 26.24 -6.80
CA VAL A 203 -3.19 27.55 -6.28
C VAL A 203 -4.32 28.24 -5.51
N LYS A 204 -5.56 27.97 -5.90
CA LYS A 204 -6.71 28.62 -5.25
C LYS A 204 -6.78 28.27 -3.77
N ARG A 205 -6.83 26.98 -3.47
CA ARG A 205 -6.88 26.51 -2.09
C ARG A 205 -5.47 26.37 -1.52
N LYS A 206 -5.34 26.45 -0.21
CA LYS A 206 -4.06 26.21 0.43
C LYS A 206 -3.84 24.71 0.55
N GLY A 207 -2.65 24.25 0.19
CA GLY A 207 -2.39 22.82 0.07
C GLY A 207 -2.56 22.43 -1.39
N THR A 208 -2.62 21.13 -1.66
CA THR A 208 -2.74 20.66 -3.04
C THR A 208 -3.48 19.33 -3.14
N ASP A 209 -4.48 19.29 -4.01
CA ASP A 209 -5.19 18.04 -4.31
C ASP A 209 -4.43 17.28 -5.41
N VAL A 210 -3.39 16.58 -5.00
CA VAL A 210 -2.52 15.84 -5.92
C VAL A 210 -3.24 14.79 -6.78
N PRO A 211 -4.15 13.98 -6.20
CA PRO A 211 -4.79 12.96 -7.04
C PRO A 211 -5.56 13.52 -8.24
N LYS A 212 -6.15 14.70 -8.11
CA LYS A 212 -6.85 15.31 -9.22
C LYS A 212 -5.87 15.75 -10.31
N TRP A 213 -4.75 16.34 -9.87
CA TRP A 213 -3.67 16.72 -10.78
C TRP A 213 -3.18 15.53 -11.57
N ILE A 214 -2.78 14.47 -10.86
CA ILE A 214 -2.31 13.24 -11.48
C ILE A 214 -3.36 12.69 -12.44
N SER A 215 -4.61 12.66 -12.00
CA SER A 215 -5.72 12.15 -12.81
C SER A 215 -5.79 12.88 -14.15
N ILE A 216 -5.98 14.20 -14.10
CA ILE A 216 -6.14 15.00 -15.31
C ILE A 216 -4.89 14.92 -16.21
N MET A 217 -3.71 15.02 -15.61
CA MET A 217 -2.48 15.06 -16.38
C MET A 217 -2.09 13.71 -17.00
N THR A 218 -2.60 12.62 -16.43
CA THR A 218 -2.26 11.29 -16.95
C THR A 218 -3.34 10.73 -17.86
N GLU A 219 -4.58 11.16 -17.68
CA GLU A 219 -5.69 10.58 -18.42
C GLU A 219 -5.99 11.31 -19.74
N ARG A 220 -6.00 12.64 -19.71
CA ARG A 220 -6.30 13.42 -20.91
C ARG A 220 -5.23 13.25 -21.98
N SER A 221 -5.60 13.50 -23.24
CA SER A 221 -4.67 13.38 -24.36
C SER A 221 -3.68 14.55 -24.38
N VAL A 222 -2.64 14.42 -25.19
CA VAL A 222 -1.56 15.41 -25.23
C VAL A 222 -1.99 16.78 -25.79
N PRO A 223 -2.64 16.83 -26.97
CA PRO A 223 -3.01 18.17 -27.46
C PRO A 223 -4.03 18.85 -26.54
N HIS A 224 -4.98 18.05 -26.07
CA HIS A 224 -5.96 18.52 -25.10
C HIS A 224 -5.27 19.12 -23.90
N LEU A 225 -4.23 18.46 -23.40
CA LEU A 225 -3.50 18.93 -22.24
C LEU A 225 -2.63 20.15 -22.56
N GLN A 226 -2.26 20.31 -23.82
CA GLN A 226 -1.55 21.51 -24.24
C GLN A 226 -2.47 22.71 -24.14
N LYS A 227 -3.62 22.59 -24.78
CA LYS A 227 -4.62 23.66 -24.76
C LYS A 227 -5.13 23.92 -23.34
N VAL A 228 -5.13 22.88 -22.52
CA VAL A 228 -5.48 22.99 -21.11
C VAL A 228 -4.42 23.78 -20.35
N PHE A 229 -3.16 23.47 -20.63
CA PHE A 229 -2.03 24.13 -19.97
C PHE A 229 -1.97 25.60 -20.34
N ASP A 230 -2.45 25.94 -21.53
CA ASP A 230 -2.48 27.35 -21.93
C ASP A 230 -3.80 28.04 -21.56
N ARG A 231 -4.81 27.26 -21.24
CA ARG A 231 -6.07 27.80 -20.73
C ARG A 231 -5.94 28.08 -19.23
N TYR A 232 -5.02 27.35 -18.61
CA TYR A 232 -4.74 27.48 -17.19
C TYR A 232 -4.11 28.83 -16.87
N LYS A 233 -3.51 29.44 -17.89
CA LYS A 233 -2.89 30.75 -17.74
C LYS A 233 -3.93 31.85 -17.54
N SER A 234 -5.18 31.54 -17.84
CA SER A 234 -6.27 32.51 -17.76
C SER A 234 -6.87 32.58 -16.35
N TYR A 235 -6.87 31.45 -15.64
CA TYR A 235 -7.44 31.38 -14.30
C TYR A 235 -6.40 31.63 -13.22
N SER A 236 -5.14 31.33 -13.53
CA SER A 236 -4.07 31.39 -12.53
C SER A 236 -3.05 32.49 -12.81
N PRO A 237 -2.54 33.11 -11.74
CA PRO A 237 -1.46 34.11 -11.84
C PRO A 237 -0.14 33.49 -12.26
N TYR A 238 0.07 32.22 -11.92
CA TYR A 238 1.28 31.50 -12.31
C TYR A 238 0.96 30.49 -13.40
N ASP A 239 1.90 30.27 -14.31
CA ASP A 239 1.70 29.24 -15.34
C ASP A 239 1.87 27.85 -14.74
N MET A 240 1.70 26.82 -15.56
CA MET A 240 1.69 25.45 -15.06
C MET A 240 3.01 25.06 -14.38
N LEU A 241 4.12 25.38 -15.02
CA LEU A 241 5.45 25.05 -14.48
C LEU A 241 5.69 25.68 -13.12
N GLU A 242 5.47 26.99 -13.03
CA GLU A 242 5.66 27.72 -11.78
C GLU A 242 4.68 27.26 -10.72
N SER A 243 3.44 26.99 -11.13
CA SER A 243 2.43 26.46 -10.23
C SER A 243 2.89 25.14 -9.63
N ILE A 244 3.57 24.34 -10.45
CA ILE A 244 4.16 23.10 -9.96
C ILE A 244 5.29 23.38 -8.97
N ARG A 245 6.16 24.32 -9.32
CA ARG A 245 7.28 24.69 -8.46
C ARG A 245 6.83 25.21 -7.10
N LYS A 246 5.60 25.74 -7.04
CA LYS A 246 5.09 26.30 -5.79
C LYS A 246 4.24 25.32 -4.99
N GLU A 247 3.33 24.61 -5.66
CA GLU A 247 2.37 23.75 -4.97
C GLU A 247 3.02 22.49 -4.40
N VAL A 248 3.93 21.89 -5.14
CA VAL A 248 4.61 20.67 -4.69
C VAL A 248 6.12 20.77 -4.86
N LYS A 249 6.85 19.98 -4.09
CA LYS A 249 8.31 19.92 -4.21
C LYS A 249 8.83 18.49 -4.07
N GLY A 250 10.05 18.26 -4.55
CA GLY A 250 10.68 16.96 -4.47
C GLY A 250 10.53 16.16 -5.74
N ASP A 251 10.54 14.84 -5.59
CA ASP A 251 10.39 13.92 -6.71
C ASP A 251 9.09 14.17 -7.47
N LEU A 252 8.03 14.42 -6.73
CA LEU A 252 6.73 14.73 -7.31
C LEU A 252 6.82 15.97 -8.21
N GLU A 253 7.50 16.99 -7.70
CA GLU A 253 7.71 18.22 -8.44
C GLU A 253 8.50 17.97 -9.72
N ASN A 254 9.61 17.26 -9.60
CA ASN A 254 10.46 16.96 -10.75
C ASN A 254 9.68 16.22 -11.83
N ALA A 255 8.91 15.22 -11.40
CA ALA A 255 8.10 14.42 -12.30
C ALA A 255 7.04 15.27 -13.01
N PHE A 256 6.35 16.11 -12.26
CA PHE A 256 5.33 16.99 -12.84
C PHE A 256 5.95 17.96 -13.86
N LEU A 257 7.09 18.53 -13.49
CA LEU A 257 7.80 19.44 -14.38
C LEU A 257 8.19 18.77 -15.68
N ASN A 258 8.83 17.61 -15.59
CA ASN A 258 9.23 16.86 -16.78
C ASN A 258 8.03 16.48 -17.64
N LEU A 259 6.98 16.00 -17.00
CA LEU A 259 5.76 15.61 -17.70
C LEU A 259 5.16 16.78 -18.48
N VAL A 260 5.05 17.93 -17.82
CA VAL A 260 4.49 19.12 -18.47
C VAL A 260 5.39 19.58 -19.62
N GLN A 261 6.70 19.55 -19.41
CA GLN A 261 7.64 19.90 -20.48
C GLN A 261 7.45 18.99 -21.69
N CYS A 262 7.23 17.70 -21.44
CA CYS A 262 7.03 16.73 -22.50
C CYS A 262 5.73 16.99 -23.26
N ILE A 263 4.65 17.24 -22.52
CA ILE A 263 3.34 17.49 -23.13
C ILE A 263 3.36 18.76 -23.98
N GLN A 264 3.96 19.83 -23.43
CA GLN A 264 4.08 21.09 -24.14
C GLN A 264 4.95 20.95 -25.39
N ASN A 265 6.24 20.73 -25.17
CA ASN A 265 7.19 20.62 -26.27
C ASN A 265 8.25 19.56 -25.98
N LYS A 266 8.06 18.37 -26.54
CA LYS A 266 8.96 17.24 -26.29
C LYS A 266 10.35 17.38 -26.91
N PRO A 267 10.45 17.81 -28.18
CA PRO A 267 11.81 18.02 -28.71
C PRO A 267 12.60 19.07 -27.92
N LEU A 268 11.92 20.15 -27.54
CA LEU A 268 12.54 21.18 -26.71
C LEU A 268 12.94 20.60 -25.35
N TYR A 269 12.09 19.73 -24.83
CA TYR A 269 12.37 19.06 -23.56
C TYR A 269 13.65 18.25 -23.63
N PHE A 270 13.80 17.47 -24.70
CA PHE A 270 14.99 16.64 -24.88
C PHE A 270 16.21 17.47 -25.21
N ALA A 271 16.01 18.63 -25.83
CA ALA A 271 17.12 19.55 -26.10
C ALA A 271 17.62 20.12 -24.79
N ASP A 272 16.70 20.43 -23.89
CA ASP A 272 17.03 20.93 -22.56
C ASP A 272 17.72 19.85 -21.73
N ARG A 273 17.25 18.61 -21.88
CA ARG A 273 17.84 17.48 -21.16
C ARG A 273 19.24 17.19 -21.66
N LEU A 274 19.46 17.38 -22.96
CA LEU A 274 20.78 17.22 -23.55
C LEU A 274 21.71 18.31 -23.07
N TYR A 275 21.20 19.54 -23.04
CA TYR A 275 21.96 20.69 -22.58
C TYR A 275 22.39 20.51 -21.12
N ASP A 276 21.45 20.10 -20.28
CA ASP A 276 21.70 19.89 -18.86
C ASP A 276 22.75 18.81 -18.61
N SER A 277 22.84 17.86 -19.54
CA SER A 277 23.76 16.73 -19.38
C SER A 277 25.19 17.12 -19.73
N MET A 278 25.37 18.29 -20.33
CA MET A 278 26.70 18.71 -20.79
C MET A 278 27.09 20.10 -20.30
N LYS A 279 26.11 20.86 -19.80
CA LYS A 279 26.35 22.25 -19.42
C LYS A 279 27.31 22.39 -18.24
N GLY A 280 27.30 21.43 -17.33
CA GLY A 280 28.08 21.52 -16.11
C GLY A 280 29.39 20.76 -16.18
N LYS A 281 30.03 20.60 -15.03
CA LYS A 281 31.29 19.87 -14.93
C LYS A 281 31.10 18.40 -15.33
N GLY A 282 32.01 17.91 -16.16
CA GLY A 282 31.96 16.53 -16.62
C GLY A 282 30.82 16.30 -17.60
N THR A 283 30.27 15.09 -17.57
CA THR A 283 29.17 14.74 -18.46
C THR A 283 28.30 13.64 -17.83
N ARG A 284 27.00 13.88 -17.78
CA ARG A 284 26.06 12.86 -17.34
C ARG A 284 25.80 11.91 -18.51
N ASP A 285 26.76 11.03 -18.75
CA ASP A 285 26.79 10.21 -19.95
C ASP A 285 25.59 9.26 -20.10
N LYS A 286 25.01 8.85 -18.98
CA LYS A 286 23.82 8.01 -19.01
C LYS A 286 22.73 8.69 -19.82
N VAL A 287 22.43 9.93 -19.44
CA VAL A 287 21.40 10.73 -20.11
C VAL A 287 21.75 11.02 -21.56
N LEU A 288 22.99 11.47 -21.81
CA LEU A 288 23.43 11.81 -23.15
C LEU A 288 23.31 10.63 -24.11
N ILE A 289 23.93 9.51 -23.74
CA ILE A 289 23.87 8.29 -24.52
C ILE A 289 22.42 7.83 -24.73
N ARG A 290 21.65 7.77 -23.64
CA ARG A 290 20.27 7.32 -23.73
C ARG A 290 19.44 8.17 -24.68
N ILE A 291 19.62 9.47 -24.64
CA ILE A 291 18.87 10.37 -25.51
C ILE A 291 19.31 10.24 -26.97
N MET A 292 20.62 10.21 -27.20
CA MET A 292 21.13 10.11 -28.55
C MET A 292 20.77 8.77 -29.20
N VAL A 293 20.54 7.75 -28.39
CA VAL A 293 20.16 6.44 -28.91
C VAL A 293 18.64 6.31 -29.10
N SER A 294 17.88 6.64 -28.06
CA SER A 294 16.44 6.41 -28.06
C SER A 294 15.67 7.37 -28.97
N ARG A 295 16.24 8.54 -29.23
CA ARG A 295 15.55 9.55 -30.02
C ARG A 295 16.18 9.74 -31.39
N SER A 296 17.10 8.84 -31.75
CA SER A 296 17.79 8.93 -33.03
C SER A 296 16.86 8.69 -34.20
N GLU A 297 15.89 7.78 -34.02
CA GLU A 297 14.93 7.47 -35.06
C GLU A 297 13.54 8.00 -34.75
N VAL A 298 13.48 9.08 -33.98
CA VAL A 298 12.20 9.65 -33.58
C VAL A 298 12.08 11.13 -33.98
N ASP A 299 12.76 12.00 -33.24
CA ASP A 299 12.66 13.44 -33.49
C ASP A 299 14.00 14.14 -33.29
N MET A 300 15.08 13.48 -33.66
CA MET A 300 16.42 14.02 -33.50
C MET A 300 16.60 15.33 -34.28
N LEU A 301 15.92 15.42 -35.43
CA LEU A 301 15.96 16.62 -36.25
C LEU A 301 15.33 17.80 -35.51
N LYS A 302 14.17 17.56 -34.90
CA LYS A 302 13.47 18.59 -34.14
C LYS A 302 14.25 18.99 -32.89
N ILE A 303 14.90 18.02 -32.26
CA ILE A 303 15.73 18.28 -31.09
C ILE A 303 16.92 19.16 -31.47
N ARG A 304 17.54 18.85 -32.60
CA ARG A 304 18.63 19.68 -33.13
C ARG A 304 18.13 21.09 -33.39
N SER A 305 16.98 21.19 -34.03
CA SER A 305 16.35 22.48 -34.35
C SER A 305 16.15 23.34 -33.12
N GLU A 306 15.43 22.79 -32.14
CA GLU A 306 15.16 23.49 -30.89
C GLU A 306 16.45 23.86 -30.16
N PHE A 307 17.41 22.94 -30.19
CA PHE A 307 18.69 23.14 -29.51
C PHE A 307 19.43 24.33 -30.08
N LYS A 308 19.56 24.40 -31.39
CA LYS A 308 20.27 25.54 -31.98
C LYS A 308 19.47 26.82 -31.85
N ARG A 309 18.14 26.71 -31.91
CA ARG A 309 17.29 27.89 -31.79
C ARG A 309 17.39 28.51 -30.40
N LYS A 310 17.62 27.68 -29.38
CA LYS A 310 17.65 28.16 -28.01
C LYS A 310 19.05 28.49 -27.50
N TYR A 311 20.01 27.61 -27.76
CA TYR A 311 21.31 27.70 -27.12
C TYR A 311 22.42 28.25 -28.02
N GLY A 312 22.04 28.78 -29.18
CA GLY A 312 23.00 29.43 -30.06
C GLY A 312 23.77 28.49 -30.97
N LYS A 313 24.62 27.64 -30.36
CA LYS A 313 25.42 26.69 -31.13
C LYS A 313 24.66 25.39 -31.37
N SER A 314 25.15 24.59 -32.31
CA SER A 314 24.52 23.32 -32.64
C SER A 314 24.73 22.29 -31.55
N LEU A 315 23.94 21.22 -31.59
CA LEU A 315 24.11 20.12 -30.64
C LEU A 315 25.41 19.37 -30.95
N TYR A 316 25.70 19.24 -32.24
CA TYR A 316 26.94 18.66 -32.72
C TYR A 316 28.13 19.32 -32.04
N TYR A 317 28.05 20.64 -31.87
CA TYR A 317 29.13 21.42 -31.27
C TYR A 317 29.34 21.05 -29.80
N TYR A 318 28.26 21.02 -29.04
CA TYR A 318 28.35 20.68 -27.61
C TYR A 318 28.84 19.26 -27.41
N ILE A 319 28.33 18.33 -28.23
CA ILE A 319 28.79 16.95 -28.21
C ILE A 319 30.28 16.88 -28.55
N GLN A 320 30.70 17.73 -29.49
CA GLN A 320 32.08 17.77 -29.95
C GLN A 320 33.02 18.27 -28.86
N GLN A 321 32.56 19.27 -28.11
CA GLN A 321 33.39 19.90 -27.09
C GLN A 321 33.36 19.14 -25.77
N ASP A 322 32.35 18.30 -25.57
CA ASP A 322 32.22 17.60 -24.30
C ASP A 322 32.53 16.11 -24.39
N THR A 323 32.78 15.62 -25.61
CA THR A 323 33.18 14.23 -25.80
C THR A 323 34.35 14.12 -26.77
N LYS A 324 35.10 13.02 -26.68
CA LYS A 324 36.25 12.82 -27.55
C LYS A 324 36.36 11.36 -28.01
N GLY A 325 37.06 11.15 -29.12
CA GLY A 325 37.31 9.81 -29.62
C GLY A 325 36.18 9.23 -30.45
N ASP A 326 36.17 7.91 -30.55
CA ASP A 326 35.16 7.19 -31.33
C ASP A 326 33.80 7.22 -30.65
N TYR A 327 33.80 7.52 -29.36
CA TYR A 327 32.56 7.78 -28.62
C TYR A 327 31.93 9.05 -29.18
N GLN A 328 32.74 10.11 -29.24
CA GLN A 328 32.33 11.36 -29.86
C GLN A 328 31.88 11.13 -31.29
N LYS A 329 32.67 10.38 -32.06
CA LYS A 329 32.34 10.07 -33.45
C LYS A 329 30.96 9.42 -33.56
N ALA A 330 30.72 8.40 -32.73
CA ALA A 330 29.44 7.71 -32.71
C ALA A 330 28.28 8.66 -32.42
N LEU A 331 28.45 9.49 -31.40
CA LEU A 331 27.41 10.45 -31.04
C LEU A 331 27.15 11.47 -32.15
N LEU A 332 28.21 11.85 -32.86
CA LEU A 332 28.08 12.81 -33.96
C LEU A 332 27.36 12.19 -35.15
N TYR A 333 27.64 10.91 -35.40
CA TYR A 333 26.92 10.17 -36.43
C TYR A 333 25.45 10.04 -36.07
N LEU A 334 25.17 9.84 -34.79
CA LEU A 334 23.78 9.76 -34.32
C LEU A 334 23.09 11.11 -34.40
N CYS A 335 23.86 12.18 -34.29
CA CYS A 335 23.32 13.53 -34.44
C CYS A 335 23.01 13.83 -35.90
N GLY A 336 24.02 13.71 -36.76
CA GLY A 336 23.83 13.84 -38.19
C GLY A 336 24.16 15.22 -38.74
N GLY A 337 25.43 15.61 -38.68
CA GLY A 337 25.87 16.88 -39.22
C GLY A 337 25.69 18.05 -38.28
N ASP A 338 26.37 19.15 -38.59
CA ASP A 338 26.22 20.40 -37.83
C ASP A 338 24.96 21.15 -38.26
N ASP A 339 24.33 21.86 -37.33
CA ASP A 339 23.18 22.68 -37.68
C ASP A 339 23.61 24.12 -37.94
N PRO B 21 -7.28 6.33 18.94
CA PRO B 21 -8.48 6.49 19.76
C PRO B 21 -8.45 5.54 20.94
N SER B 22 -7.26 5.25 21.42
CA SER B 22 -7.08 4.40 22.57
C SER B 22 -5.60 4.36 22.76
N ALA B 23 -5.16 4.56 23.99
CA ALA B 23 -3.74 4.60 24.26
C ALA B 23 -3.30 3.45 25.10
N PTR B 24 -4.15 2.43 25.21
CA PTR B 24 -3.84 1.27 26.02
C PTR B 24 -3.69 0.02 25.20
O PTR B 24 -3.47 -1.06 25.79
CB PTR B 24 -4.95 1.06 27.05
CG PTR B 24 -5.18 2.36 27.79
CD1 PTR B 24 -4.26 2.80 28.74
CD2 PTR B 24 -6.32 3.10 27.54
CE1 PTR B 24 -4.48 3.98 29.43
CE2 PTR B 24 -6.54 4.30 28.22
CZ PTR B 24 -5.63 4.74 29.17
OH PTR B 24 -5.85 5.90 29.84
P PTR B 24 -5.86 5.91 31.45
O1P PTR B 24 -6.97 6.87 31.79
O2P PTR B 24 -6.13 4.48 31.82
O3P PTR B 24 -4.47 6.40 31.83
N GLY B 25 -3.80 0.12 23.88
CA GLY B 25 -3.66 -1.05 23.02
C GLY B 25 -2.21 -1.50 22.95
N SER B 26 -2.01 -2.79 22.74
CA SER B 26 -0.67 -3.33 22.61
C SER B 26 -0.15 -3.13 21.19
N VAL B 27 -1.06 -3.20 20.24
CA VAL B 27 -0.72 -3.00 18.83
C VAL B 27 -1.01 -1.57 18.40
N LYS B 28 0.05 -0.82 18.15
CA LYS B 28 -0.09 0.57 17.72
C LYS B 28 0.04 0.70 16.21
N ALA B 29 -0.35 1.86 15.69
CA ALA B 29 -0.22 2.14 14.27
C ALA B 29 1.24 2.19 13.85
N TYR B 30 1.56 1.41 12.83
CA TYR B 30 2.92 1.20 12.34
C TYR B 30 3.40 2.45 11.58
N THR B 31 4.44 3.11 12.09
CA THR B 31 4.99 4.28 11.42
C THR B 31 5.73 3.88 10.15
N ASN B 32 5.92 4.83 9.23
CA ASN B 32 6.48 4.55 7.90
C ASN B 32 5.71 3.43 7.21
N PHE B 33 4.40 3.62 7.09
CA PHE B 33 3.51 2.59 6.56
C PHE B 33 3.40 2.61 5.04
N ASP B 34 3.48 1.43 4.44
CA ASP B 34 3.34 1.28 2.99
C ASP B 34 2.47 0.07 2.68
N ALA B 35 1.20 0.34 2.39
CA ALA B 35 0.20 -0.73 2.19
C ALA B 35 0.54 -1.63 1.00
N GLU B 36 0.88 -1.02 -0.13
CA GLU B 36 1.12 -1.77 -1.36
C GLU B 36 2.35 -2.67 -1.27
N ARG B 37 3.42 -2.16 -0.65
CA ARG B 37 4.63 -2.96 -0.47
C ARG B 37 4.37 -4.12 0.48
N ASP B 38 3.50 -3.90 1.46
CA ASP B 38 3.12 -4.96 2.39
C ASP B 38 2.27 -6.01 1.69
N ALA B 39 1.42 -5.57 0.76
CA ALA B 39 0.62 -6.50 -0.03
C ALA B 39 1.50 -7.29 -0.98
N LEU B 40 2.59 -6.67 -1.42
CA LEU B 40 3.56 -7.34 -2.28
C LEU B 40 4.32 -8.40 -1.50
N ASN B 41 4.78 -8.02 -0.30
CA ASN B 41 5.51 -8.95 0.56
C ASN B 41 4.63 -10.11 1.02
N ILE B 42 3.34 -9.83 1.20
CA ILE B 42 2.37 -10.86 1.59
C ILE B 42 2.08 -11.78 0.41
N GLU B 43 1.93 -11.20 -0.78
CA GLU B 43 1.74 -11.98 -1.99
C GLU B 43 2.91 -12.94 -2.20
N THR B 44 4.12 -12.41 -2.04
CA THR B 44 5.34 -13.21 -2.16
C THR B 44 5.39 -14.29 -1.09
N ALA B 45 5.03 -13.93 0.14
CA ALA B 45 5.05 -14.87 1.27
C ALA B 45 4.05 -16.00 1.05
N ILE B 46 2.97 -15.71 0.33
CA ILE B 46 1.94 -16.71 0.05
C ILE B 46 2.37 -17.63 -1.08
N LYS B 47 2.83 -17.05 -2.19
CA LYS B 47 3.22 -17.83 -3.35
C LYS B 47 4.50 -18.63 -3.13
N THR B 48 5.18 -18.38 -2.01
CA THR B 48 6.39 -19.12 -1.67
C THR B 48 6.08 -20.58 -1.40
N LYS B 49 6.98 -21.47 -1.82
CA LYS B 49 6.81 -22.91 -1.62
C LYS B 49 6.79 -23.26 -0.14
N GLY B 50 5.73 -23.93 0.30
CA GLY B 50 5.60 -24.34 1.68
C GLY B 50 5.00 -23.26 2.55
N VAL B 51 4.70 -22.11 1.94
CA VAL B 51 4.09 -20.95 2.60
C VAL B 51 4.99 -20.33 3.67
N ASP B 52 5.08 -19.00 3.65
CA ASP B 52 5.91 -18.25 4.58
C ASP B 52 5.07 -17.71 5.74
N GLU B 53 4.86 -18.53 6.76
CA GLU B 53 4.06 -18.13 7.91
C GLU B 53 4.70 -16.98 8.70
N VAL B 54 6.01 -17.09 8.92
CA VAL B 54 6.75 -16.12 9.72
C VAL B 54 6.60 -14.70 9.21
N THR B 55 6.72 -14.53 7.89
CA THR B 55 6.57 -13.22 7.26
C THR B 55 5.15 -12.67 7.45
N ILE B 56 4.16 -13.52 7.20
CA ILE B 56 2.75 -13.13 7.33
C ILE B 56 2.44 -12.66 8.74
N VAL B 57 2.89 -13.42 9.73
CA VAL B 57 2.70 -13.04 11.13
C VAL B 57 3.43 -11.73 11.43
N ASN B 58 4.69 -11.66 11.04
CA ASN B 58 5.53 -10.49 11.27
C ASN B 58 4.95 -9.21 10.70
N ILE B 59 4.22 -9.33 9.59
CA ILE B 59 3.58 -8.17 8.99
C ILE B 59 2.25 -7.87 9.67
N LEU B 60 1.32 -8.81 9.60
CA LEU B 60 -0.05 -8.57 10.03
C LEU B 60 -0.20 -8.29 11.53
N THR B 61 0.62 -8.93 12.35
CA THR B 61 0.51 -8.73 13.79
C THR B 61 1.20 -7.45 14.24
N ASN B 62 1.88 -6.79 13.31
CA ASN B 62 2.54 -5.52 13.62
C ASN B 62 1.96 -4.36 12.81
N ARG B 63 0.73 -4.54 12.35
CA ARG B 63 -0.01 -3.47 11.68
C ARG B 63 -1.35 -3.28 12.39
N SER B 64 -1.82 -2.04 12.45
CA SER B 64 -3.12 -1.75 13.05
C SER B 64 -4.23 -2.30 12.16
N ASN B 65 -5.44 -2.36 12.70
CA ASN B 65 -6.57 -2.96 11.99
C ASN B 65 -6.89 -2.28 10.66
N GLU B 66 -6.93 -0.96 10.71
CA GLU B 66 -7.20 -0.16 9.55
C GLU B 66 -6.18 -0.41 8.52
N GLN B 67 -4.92 -0.41 8.94
CA GLN B 67 -3.79 -0.64 8.06
C GLN B 67 -3.93 -2.01 7.40
N ARG B 68 -4.43 -2.98 8.17
CA ARG B 68 -4.69 -4.31 7.63
C ARG B 68 -5.76 -4.25 6.55
N GLN B 69 -6.76 -3.39 6.75
CA GLN B 69 -7.80 -3.19 5.76
C GLN B 69 -7.22 -2.62 4.47
N ASP B 70 -6.34 -1.62 4.61
CA ASP B 70 -5.67 -1.03 3.46
C ASP B 70 -4.84 -2.06 2.69
N ILE B 71 -4.09 -2.87 3.44
CA ILE B 71 -3.29 -3.95 2.84
C ILE B 71 -4.18 -4.92 2.08
N ALA B 72 -5.35 -5.22 2.65
CA ALA B 72 -6.31 -6.10 2.00
C ALA B 72 -6.79 -5.50 0.68
N PHE B 73 -7.08 -4.20 0.69
CA PHE B 73 -7.51 -3.50 -0.52
C PHE B 73 -6.44 -3.55 -1.59
N ALA B 74 -5.20 -3.26 -1.22
CA ALA B 74 -4.08 -3.29 -2.16
C ALA B 74 -3.89 -4.69 -2.74
N TYR B 75 -4.03 -5.70 -1.88
CA TYR B 75 -3.91 -7.09 -2.31
C TYR B 75 -4.99 -7.45 -3.32
N GLN B 76 -6.21 -6.96 -3.07
CA GLN B 76 -7.33 -7.22 -3.98
C GLN B 76 -7.08 -6.55 -5.32
N ARG B 77 -6.66 -5.30 -5.31
CA ARG B 77 -6.43 -4.57 -6.56
C ARG B 77 -5.28 -5.19 -7.35
N ARG B 78 -4.26 -5.67 -6.64
CA ARG B 78 -3.07 -6.22 -7.30
C ARG B 78 -3.31 -7.63 -7.86
N THR B 79 -3.99 -8.47 -7.09
CA THR B 79 -4.11 -9.88 -7.45
C THR B 79 -5.51 -10.29 -7.90
N LYS B 80 -6.47 -9.37 -7.78
CA LYS B 80 -7.87 -9.64 -8.11
C LYS B 80 -8.45 -10.80 -7.28
N LYS B 81 -7.87 -11.02 -6.11
CA LYS B 81 -8.38 -12.01 -5.17
C LYS B 81 -8.51 -11.42 -3.78
N GLU B 82 -9.56 -11.83 -3.06
CA GLU B 82 -9.74 -11.38 -1.68
C GLU B 82 -8.69 -12.01 -0.78
N LEU B 83 -8.09 -11.21 0.08
CA LEU B 83 -6.97 -11.65 0.93
C LEU B 83 -7.38 -12.74 1.90
N ALA B 84 -8.55 -12.59 2.51
CA ALA B 84 -9.04 -13.53 3.51
C ALA B 84 -9.22 -14.93 2.94
N SER B 85 -9.77 -15.01 1.74
CA SER B 85 -10.01 -16.29 1.09
C SER B 85 -8.70 -16.96 0.70
N ALA B 86 -7.72 -16.16 0.28
CA ALA B 86 -6.41 -16.69 -0.05
C ALA B 86 -5.72 -17.24 1.20
N LEU B 87 -5.91 -16.54 2.31
CA LEU B 87 -5.28 -16.94 3.57
C LEU B 87 -6.00 -18.13 4.22
N LYS B 88 -7.27 -18.34 3.88
CA LYS B 88 -7.99 -19.51 4.38
C LYS B 88 -7.40 -20.76 3.74
N SER B 89 -6.95 -20.63 2.51
CA SER B 89 -6.30 -21.74 1.81
C SER B 89 -4.86 -21.89 2.23
N ALA B 90 -4.17 -20.76 2.42
CA ALA B 90 -2.75 -20.78 2.75
C ALA B 90 -2.46 -21.22 4.19
N LEU B 91 -3.44 -21.06 5.07
CA LEU B 91 -3.22 -21.34 6.49
C LEU B 91 -4.11 -22.46 7.03
N SER B 92 -3.86 -22.84 8.28
CA SER B 92 -4.62 -23.91 8.92
C SER B 92 -4.63 -23.77 10.44
N GLY B 93 -5.68 -24.31 11.06
CA GLY B 93 -5.78 -24.40 12.50
C GLY B 93 -5.80 -23.07 13.26
N HIS B 94 -5.15 -23.07 14.42
CA HIS B 94 -5.17 -21.93 15.33
C HIS B 94 -4.60 -20.66 14.69
N LEU B 95 -3.55 -20.81 13.89
CA LEU B 95 -2.96 -19.67 13.22
C LEU B 95 -3.93 -19.08 12.20
N GLU B 96 -4.61 -19.97 11.46
CA GLU B 96 -5.65 -19.55 10.53
C GLU B 96 -6.72 -18.75 11.26
N THR B 97 -7.16 -19.28 12.40
CA THR B 97 -8.16 -18.62 13.22
C THR B 97 -7.69 -17.22 13.65
N VAL B 98 -6.47 -17.13 14.14
CA VAL B 98 -5.90 -15.87 14.61
C VAL B 98 -5.82 -14.83 13.48
N ILE B 99 -5.19 -15.20 12.38
CA ILE B 99 -4.99 -14.29 11.26
C ILE B 99 -6.32 -13.83 10.67
N LEU B 100 -7.20 -14.79 10.38
CA LEU B 100 -8.50 -14.45 9.81
C LEU B 100 -9.35 -13.64 10.80
N GLY B 101 -9.03 -13.77 12.09
CA GLY B 101 -9.68 -12.97 13.11
C GLY B 101 -9.18 -11.54 13.10
N LEU B 102 -7.87 -11.38 12.91
CA LEU B 102 -7.25 -10.06 12.86
C LEU B 102 -7.66 -9.30 11.60
N LEU B 103 -7.89 -10.03 10.52
CA LEU B 103 -8.25 -9.43 9.24
C LEU B 103 -9.59 -8.70 9.30
N LYS B 104 -10.54 -9.24 10.05
CA LYS B 104 -11.86 -8.64 10.17
C LYS B 104 -11.80 -7.35 10.98
N THR B 105 -12.69 -6.41 10.66
CA THR B 105 -12.88 -5.22 11.49
C THR B 105 -13.46 -5.68 12.83
N PRO B 106 -13.28 -4.87 13.89
CA PRO B 106 -13.79 -5.23 15.21
C PRO B 106 -15.27 -5.66 15.20
N ALA B 107 -16.10 -4.89 14.52
CA ALA B 107 -17.53 -5.20 14.42
C ALA B 107 -17.76 -6.52 13.71
N GLN B 108 -17.07 -6.74 12.60
CA GLN B 108 -17.18 -7.98 11.84
C GLN B 108 -16.80 -9.19 12.69
N TYR B 109 -15.67 -9.08 13.38
CA TYR B 109 -15.15 -10.16 14.20
C TYR B 109 -16.12 -10.50 15.34
N ASP B 110 -16.52 -9.47 16.08
CA ASP B 110 -17.49 -9.65 17.16
C ASP B 110 -18.77 -10.30 16.66
N ALA B 111 -19.26 -9.82 15.53
CA ALA B 111 -20.48 -10.35 14.93
C ALA B 111 -20.34 -11.83 14.59
N SER B 112 -19.22 -12.19 13.96
CA SER B 112 -18.97 -13.57 13.55
C SER B 112 -18.88 -14.50 14.76
N GLU B 113 -18.23 -14.05 15.82
CA GLU B 113 -18.13 -14.84 17.05
C GLU B 113 -19.50 -15.02 17.69
N LEU B 114 -20.28 -13.93 17.74
CA LEU B 114 -21.65 -14.00 18.23
C LEU B 114 -22.48 -15.01 17.45
N LYS B 115 -22.25 -15.06 16.13
CA LYS B 115 -22.94 -16.01 15.27
C LYS B 115 -22.45 -17.43 15.57
N ALA B 116 -21.19 -17.55 15.98
CA ALA B 116 -20.63 -18.84 16.34
C ALA B 116 -21.25 -19.38 17.62
N SER B 117 -21.61 -18.46 18.52
CA SER B 117 -22.25 -18.87 19.78
C SER B 117 -23.64 -19.47 19.56
N MET B 118 -24.25 -19.16 18.43
CA MET B 118 -25.62 -19.60 18.16
C MET B 118 -25.67 -20.59 17.00
N ASP B 124 -23.23 -23.06 23.55
CA ASP B 124 -22.57 -22.63 24.78
C ASP B 124 -22.76 -21.13 24.97
N GLU B 125 -23.35 -20.75 26.10
CA GLU B 125 -23.69 -19.36 26.37
C GLU B 125 -22.50 -18.54 26.86
N ASP B 126 -21.39 -19.22 27.14
CA ASP B 126 -20.22 -18.57 27.73
C ASP B 126 -19.64 -17.46 26.85
N SER B 127 -19.40 -17.78 25.58
CA SER B 127 -18.84 -16.82 24.64
C SER B 127 -19.78 -15.63 24.42
N LEU B 128 -21.05 -15.95 24.19
CA LEU B 128 -22.09 -14.95 24.02
C LEU B 128 -22.11 -13.96 25.19
N ILE B 129 -22.09 -14.52 26.40
CA ILE B 129 -22.01 -13.72 27.62
C ILE B 129 -20.78 -12.82 27.61
N GLU B 130 -19.62 -13.42 27.32
CA GLU B 130 -18.36 -12.68 27.30
C GLU B 130 -18.40 -11.49 26.36
N ILE B 131 -18.99 -11.66 25.18
CA ILE B 131 -19.01 -10.58 24.20
C ILE B 131 -20.06 -9.52 24.52
N ILE B 132 -21.26 -9.96 24.88
CA ILE B 132 -22.35 -9.01 25.15
C ILE B 132 -22.09 -8.17 26.41
N CYS B 133 -21.51 -8.78 27.43
CA CYS B 133 -21.31 -8.10 28.71
C CYS B 133 -20.16 -7.10 28.70
N SER B 134 -19.24 -7.24 27.76
CA SER B 134 -18.00 -6.45 27.79
C SER B 134 -17.99 -5.27 26.82
N ARG B 135 -18.90 -5.26 25.86
CA ARG B 135 -18.89 -4.23 24.82
C ARG B 135 -19.69 -2.99 25.20
N THR B 136 -19.20 -1.83 24.77
CA THR B 136 -19.84 -0.55 25.07
C THR B 136 -20.95 -0.24 24.07
N ASN B 137 -21.68 0.85 24.31
CA ASN B 137 -22.83 1.22 23.48
C ASN B 137 -22.46 1.43 22.02
N GLN B 138 -21.45 2.25 21.77
CA GLN B 138 -21.02 2.57 20.41
C GLN B 138 -20.56 1.31 19.67
N GLU B 139 -19.85 0.44 20.39
CA GLU B 139 -19.43 -0.84 19.83
C GLU B 139 -20.65 -1.69 19.48
N LEU B 140 -21.59 -1.78 20.41
CA LEU B 140 -22.76 -2.64 20.27
C LEU B 140 -23.67 -2.23 19.12
N GLN B 141 -23.87 -0.92 18.93
CA GLN B 141 -24.75 -0.46 17.84
C GLN B 141 -24.17 -0.84 16.48
N GLU B 142 -22.88 -0.58 16.29
CA GLU B 142 -22.19 -0.94 15.06
C GLU B 142 -22.22 -2.45 14.86
N ILE B 143 -22.11 -3.20 15.97
CA ILE B 143 -22.20 -4.65 15.92
C ILE B 143 -23.57 -5.10 15.42
N ASN B 144 -24.62 -4.43 15.88
CA ASN B 144 -25.97 -4.73 15.41
C ASN B 144 -26.11 -4.49 13.91
N ARG B 145 -25.74 -3.27 13.49
CA ARG B 145 -25.78 -2.90 12.08
C ARG B 145 -25.06 -3.91 11.20
N VAL B 146 -23.79 -4.16 11.52
CA VAL B 146 -22.96 -5.10 10.79
C VAL B 146 -23.58 -6.50 10.78
N TYR B 147 -24.11 -6.91 11.93
CA TYR B 147 -24.72 -8.23 12.07
C TYR B 147 -25.86 -8.41 11.09
N LYS B 148 -26.75 -7.42 11.01
CA LYS B 148 -27.90 -7.56 10.14
C LYS B 148 -27.48 -7.41 8.67
N GLU B 149 -26.44 -6.60 8.41
CA GLU B 149 -25.89 -6.51 7.06
C GLU B 149 -25.29 -7.84 6.62
N MET B 150 -24.80 -8.63 7.57
CA MET B 150 -24.09 -9.86 7.27
C MET B 150 -24.99 -11.09 7.19
N TYR B 151 -26.03 -11.15 8.02
CA TYR B 151 -26.82 -12.36 8.13
C TYR B 151 -28.31 -12.18 7.82
N LYS B 152 -28.66 -11.00 7.34
CA LYS B 152 -30.04 -10.68 6.93
C LYS B 152 -31.06 -10.92 8.05
N THR B 153 -30.61 -10.83 9.29
CA THR B 153 -31.48 -10.99 10.45
C THR B 153 -30.95 -10.18 11.62
N ASP B 154 -31.87 -9.66 12.44
CA ASP B 154 -31.48 -8.86 13.59
C ASP B 154 -30.86 -9.73 14.67
N LEU B 155 -29.83 -9.20 15.33
CA LEU B 155 -29.13 -9.94 16.38
C LEU B 155 -30.07 -10.35 17.51
N GLU B 156 -30.99 -9.44 17.83
CA GLU B 156 -31.96 -9.68 18.90
C GLU B 156 -32.79 -10.93 18.64
N LYS B 157 -33.21 -11.10 17.38
CA LYS B 157 -34.03 -12.25 16.99
C LYS B 157 -33.31 -13.58 17.20
N ASP B 158 -32.02 -13.61 16.90
CA ASP B 158 -31.22 -14.82 17.08
C ASP B 158 -30.94 -15.07 18.56
N ILE B 159 -30.70 -13.98 19.30
CA ILE B 159 -30.53 -14.07 20.74
C ILE B 159 -31.76 -14.72 21.36
N ILE B 160 -32.94 -14.27 20.92
CA ILE B 160 -34.20 -14.88 21.35
C ILE B 160 -34.26 -16.34 20.90
N SER B 161 -33.74 -16.61 19.69
CA SER B 161 -33.81 -17.94 19.11
C SER B 161 -33.03 -18.98 19.91
N ASP B 162 -31.88 -18.61 20.46
CA ASP B 162 -31.05 -19.59 21.17
C ASP B 162 -30.81 -19.26 22.65
N THR B 163 -31.68 -18.45 23.24
CA THR B 163 -31.64 -18.21 24.69
C THR B 163 -33.06 -18.30 25.26
N SER B 164 -33.17 -18.24 26.59
CA SER B 164 -34.47 -18.38 27.24
C SER B 164 -34.53 -17.73 28.62
N GLY B 165 -35.71 -17.27 29.00
CA GLY B 165 -35.97 -16.78 30.34
C GLY B 165 -35.37 -15.43 30.70
N ASP B 166 -35.16 -15.22 32.00
CA ASP B 166 -34.58 -13.99 32.50
C ASP B 166 -33.19 -13.75 31.91
N PHE B 167 -32.49 -14.85 31.64
CA PHE B 167 -31.20 -14.79 30.96
C PHE B 167 -31.36 -14.13 29.60
N ARG B 168 -32.35 -14.61 28.84
CA ARG B 168 -32.68 -14.03 27.54
C ARG B 168 -33.02 -12.55 27.66
N LYS B 169 -33.89 -12.21 28.61
CA LYS B 169 -34.29 -10.83 28.81
C LYS B 169 -33.10 -9.92 29.11
N LEU B 170 -32.19 -10.41 29.94
CA LEU B 170 -30.98 -9.67 30.31
C LEU B 170 -30.07 -9.46 29.12
N MET B 171 -29.79 -10.54 28.38
CA MET B 171 -28.92 -10.46 27.21
C MET B 171 -29.48 -9.52 26.16
N VAL B 172 -30.80 -9.56 25.98
CA VAL B 172 -31.48 -8.67 25.04
C VAL B 172 -31.36 -7.21 25.50
N ALA B 173 -31.54 -7.00 26.80
CA ALA B 173 -31.43 -5.67 27.39
C ALA B 173 -30.04 -5.09 27.17
N LEU B 174 -29.01 -5.91 27.41
CA LEU B 174 -27.63 -5.47 27.25
C LEU B 174 -27.25 -5.24 25.79
N ALA B 175 -27.68 -6.14 24.92
CA ALA B 175 -27.34 -6.07 23.50
C ALA B 175 -28.03 -4.91 22.80
N LYS B 176 -29.00 -4.30 23.49
CA LYS B 176 -29.70 -3.14 22.94
C LYS B 176 -28.71 -1.99 22.71
N GLY B 177 -27.68 -1.92 23.53
CA GLY B 177 -26.66 -0.90 23.42
C GLY B 177 -27.22 0.49 23.62
N ARG B 178 -28.15 0.61 24.57
CA ARG B 178 -28.82 1.88 24.82
C ARG B 178 -28.67 2.31 26.27
N ARG B 179 -27.59 1.91 26.91
CA ARG B 179 -27.29 2.34 28.27
C ARG B 179 -27.12 3.86 28.33
N ALA B 180 -27.57 4.46 29.43
CA ALA B 180 -27.42 5.90 29.64
C ALA B 180 -25.96 6.32 29.58
N GLU B 181 -25.72 7.53 29.10
CA GLU B 181 -24.36 8.04 28.97
C GLU B 181 -23.80 8.50 30.32
N ASP B 182 -22.48 8.58 30.40
CA ASP B 182 -21.81 8.97 31.63
C ASP B 182 -22.02 10.46 31.93
N GLY B 183 -23.05 10.75 32.73
CA GLY B 183 -23.36 12.11 33.10
C GLY B 183 -22.21 12.77 33.85
N SER B 184 -21.94 14.03 33.52
CA SER B 184 -20.87 14.78 34.16
C SER B 184 -21.24 15.17 35.59
N VAL B 185 -22.49 14.90 35.97
CA VAL B 185 -22.95 15.14 37.32
C VAL B 185 -23.13 13.82 38.08
N ILE B 186 -22.65 13.78 39.31
CA ILE B 186 -22.79 12.60 40.15
C ILE B 186 -24.10 12.65 40.91
N ASP B 187 -24.98 11.67 40.64
CA ASP B 187 -26.28 11.63 41.28
C ASP B 187 -26.23 10.75 42.53
N TYR B 188 -25.74 11.32 43.63
CA TYR B 188 -25.56 10.60 44.88
C TYR B 188 -26.86 9.98 45.39
N GLU B 189 -27.96 10.71 45.24
CA GLU B 189 -29.27 10.23 45.67
C GLU B 189 -29.68 9.00 44.85
N LEU B 190 -29.49 9.08 43.54
CA LEU B 190 -29.83 7.96 42.66
C LEU B 190 -28.89 6.78 42.93
N ILE B 191 -27.66 7.09 43.30
CA ILE B 191 -26.70 6.06 43.69
C ILE B 191 -27.22 5.28 44.88
N ASP B 192 -27.53 6.00 45.96
CA ASP B 192 -28.04 5.40 47.18
C ASP B 192 -29.33 4.62 46.93
N GLN B 193 -30.25 5.23 46.20
CA GLN B 193 -31.55 4.61 45.96
C GLN B 193 -31.41 3.35 45.11
N ASP B 194 -30.51 3.37 44.13
CA ASP B 194 -30.26 2.20 43.30
C ASP B 194 -29.62 1.08 44.12
N ALA B 195 -28.68 1.44 44.98
CA ALA B 195 -28.03 0.46 45.84
C ALA B 195 -29.04 -0.21 46.77
N ARG B 196 -29.88 0.60 47.41
CA ARG B 196 -30.89 0.07 48.32
C ARG B 196 -31.94 -0.74 47.55
N ASP B 197 -32.21 -0.33 46.32
CA ASP B 197 -33.13 -1.10 45.48
C ASP B 197 -32.55 -2.47 45.15
N LEU B 198 -31.23 -2.52 44.97
CA LEU B 198 -30.55 -3.79 44.72
C LEU B 198 -30.56 -4.67 45.96
N TYR B 199 -30.42 -4.05 47.13
CA TYR B 199 -30.39 -4.80 48.39
C TYR B 199 -31.76 -5.35 48.75
N ASP B 200 -32.79 -4.52 48.61
CA ASP B 200 -34.16 -4.90 48.96
C ASP B 200 -34.71 -5.97 48.02
N ALA B 201 -34.19 -5.98 46.79
CA ALA B 201 -34.68 -6.91 45.77
C ALA B 201 -33.82 -8.16 45.69
N GLY B 202 -32.83 -8.25 46.56
CA GLY B 202 -31.90 -9.37 46.52
C GLY B 202 -31.73 -10.11 47.83
N VAL B 203 -30.74 -9.69 48.61
CA VAL B 203 -30.35 -10.41 49.82
C VAL B 203 -31.33 -10.21 50.97
N LYS B 204 -31.87 -9.00 51.11
CA LYS B 204 -32.86 -8.71 52.14
C LYS B 204 -34.11 -9.55 51.92
N ARG B 205 -34.51 -9.68 50.66
CA ARG B 205 -35.70 -10.43 50.28
C ARG B 205 -35.46 -11.94 50.28
N LYS B 206 -36.48 -12.69 50.69
CA LYS B 206 -36.49 -14.13 50.44
C LYS B 206 -36.92 -14.38 49.00
N GLY B 207 -35.99 -14.89 48.19
CA GLY B 207 -36.20 -14.97 46.76
C GLY B 207 -35.41 -13.87 46.09
N THR B 208 -35.76 -13.53 44.86
CA THR B 208 -35.03 -12.49 44.13
C THR B 208 -35.88 -11.78 43.08
N ASP B 209 -35.85 -10.45 43.10
CA ASP B 209 -36.51 -9.65 42.09
C ASP B 209 -35.55 -9.35 40.93
N VAL B 210 -35.46 -10.30 40.00
CA VAL B 210 -34.55 -10.19 38.85
C VAL B 210 -34.80 -8.98 37.92
N PRO B 211 -36.08 -8.67 37.59
CA PRO B 211 -36.30 -7.57 36.64
C PRO B 211 -35.68 -6.22 37.03
N LYS B 212 -35.65 -5.93 38.32
CA LYS B 212 -35.08 -4.68 38.81
C LYS B 212 -33.60 -4.74 38.62
N TRP B 213 -33.04 -5.85 39.01
CA TRP B 213 -31.60 -6.08 38.88
C TRP B 213 -31.17 -5.80 37.44
N ILE B 214 -31.85 -6.46 36.51
CA ILE B 214 -31.61 -6.26 35.09
C ILE B 214 -31.73 -4.78 34.72
N SER B 215 -32.83 -4.17 35.13
CA SER B 215 -33.10 -2.77 34.85
C SER B 215 -31.95 -1.87 35.29
N ILE B 216 -31.69 -1.85 36.59
CA ILE B 216 -30.65 -1.01 37.18
C ILE B 216 -29.28 -1.26 36.56
N MET B 217 -28.91 -2.52 36.39
CA MET B 217 -27.58 -2.84 35.89
C MET B 217 -27.40 -2.58 34.39
N THR B 218 -28.50 -2.54 33.65
CA THR B 218 -28.40 -2.32 32.20
C THR B 218 -28.63 -0.87 31.79
N GLU B 219 -29.39 -0.12 32.59
CA GLU B 219 -29.76 1.23 32.21
C GLU B 219 -28.80 2.31 32.72
N ARG B 220 -28.37 2.20 33.97
CA ARG B 220 -27.48 3.19 34.56
C ARG B 220 -26.10 3.19 33.90
N SER B 221 -25.40 4.32 33.97
CA SER B 221 -24.07 4.44 33.37
C SER B 221 -23.04 3.67 34.18
N VAL B 222 -21.86 3.48 33.60
CA VAL B 222 -20.82 2.65 34.21
C VAL B 222 -20.20 3.25 35.49
N PRO B 223 -19.75 4.53 35.46
CA PRO B 223 -19.17 5.04 36.70
C PRO B 223 -20.21 5.13 37.82
N HIS B 224 -21.41 5.56 37.45
CA HIS B 224 -22.53 5.60 38.37
C HIS B 224 -22.75 4.23 39.00
N LEU B 225 -22.69 3.19 38.18
CA LEU B 225 -22.87 1.82 38.67
C LEU B 225 -21.70 1.35 39.52
N GLN B 226 -20.53 1.96 39.30
CA GLN B 226 -19.37 1.66 40.14
C GLN B 226 -19.60 2.20 41.54
N LYS B 227 -19.95 3.47 41.62
CA LYS B 227 -20.24 4.11 42.91
C LYS B 227 -21.44 3.44 43.58
N VAL B 228 -22.37 2.95 42.76
CA VAL B 228 -23.52 2.21 43.25
C VAL B 228 -23.08 0.88 43.86
N PHE B 229 -22.16 0.21 43.20
CA PHE B 229 -21.66 -1.08 43.66
C PHE B 229 -20.83 -0.91 44.93
N ASP B 230 -20.23 0.25 45.12
CA ASP B 230 -19.48 0.51 46.35
C ASP B 230 -20.41 1.00 47.46
N ARG B 231 -21.55 1.56 47.08
CA ARG B 231 -22.56 1.98 48.06
C ARG B 231 -23.35 0.77 48.54
N TYR B 232 -23.44 -0.25 47.70
CA TYR B 232 -24.15 -1.49 48.01
C TYR B 232 -23.47 -2.24 49.14
N LYS B 233 -22.17 -2.01 49.31
CA LYS B 233 -21.39 -2.68 50.35
C LYS B 233 -21.74 -2.16 51.74
N SER B 234 -22.55 -1.11 51.80
CA SER B 234 -22.95 -0.52 53.07
C SER B 234 -24.25 -1.13 53.59
N TYR B 235 -25.11 -1.56 52.66
CA TYR B 235 -26.39 -2.17 53.03
C TYR B 235 -26.26 -3.68 53.22
N SER B 236 -25.37 -4.30 52.45
CA SER B 236 -25.27 -5.75 52.43
C SER B 236 -23.98 -6.26 53.08
N PRO B 237 -24.06 -7.38 53.80
CA PRO B 237 -22.90 -8.04 54.39
C PRO B 237 -21.99 -8.61 53.30
N TYR B 238 -22.59 -8.99 52.18
CA TYR B 238 -21.85 -9.53 51.04
C TYR B 238 -21.83 -8.52 49.91
N ASP B 239 -20.70 -8.41 49.21
CA ASP B 239 -20.61 -7.47 48.09
C ASP B 239 -21.43 -8.00 46.91
N MET B 240 -21.41 -7.25 45.81
CA MET B 240 -22.29 -7.53 44.68
C MET B 240 -22.05 -8.91 44.06
N LEU B 241 -20.78 -9.27 43.89
CA LEU B 241 -20.41 -10.55 43.30
C LEU B 241 -20.92 -11.74 44.10
N GLU B 242 -20.61 -11.75 45.40
CA GLU B 242 -21.08 -12.83 46.25
C GLU B 242 -22.60 -12.84 46.33
N SER B 243 -23.20 -11.65 46.34
CA SER B 243 -24.66 -11.54 46.36
C SER B 243 -25.26 -12.22 45.12
N ILE B 244 -24.56 -12.08 44.00
CA ILE B 244 -24.97 -12.76 42.77
C ILE B 244 -24.79 -14.26 42.91
N ARG B 245 -23.65 -14.69 43.44
CA ARG B 245 -23.38 -16.12 43.63
C ARG B 245 -24.40 -16.77 44.57
N LYS B 246 -25.02 -15.97 45.43
CA LYS B 246 -25.99 -16.49 46.38
C LYS B 246 -27.42 -16.46 45.81
N GLU B 247 -27.81 -15.32 45.24
CA GLU B 247 -29.20 -15.12 44.84
C GLU B 247 -29.63 -15.90 43.60
N VAL B 248 -28.71 -16.08 42.65
CA VAL B 248 -29.05 -16.76 41.41
C VAL B 248 -28.07 -17.88 41.05
N LYS B 249 -28.46 -18.68 40.06
CA LYS B 249 -27.63 -19.80 39.61
C LYS B 249 -27.72 -19.97 38.09
N GLY B 250 -26.77 -20.70 37.52
CA GLY B 250 -26.81 -21.02 36.10
C GLY B 250 -26.28 -19.93 35.19
N ASP B 251 -26.81 -19.90 33.97
CA ASP B 251 -26.38 -18.95 32.95
C ASP B 251 -26.66 -17.50 33.37
N LEU B 252 -27.77 -17.30 34.06
CA LEU B 252 -28.12 -15.98 34.58
C LEU B 252 -27.04 -15.50 35.55
N GLU B 253 -26.66 -16.40 36.46
CA GLU B 253 -25.60 -16.12 37.42
C GLU B 253 -24.28 -15.80 36.73
N ASN B 254 -23.88 -16.64 35.79
CA ASN B 254 -22.63 -16.44 35.06
C ASN B 254 -22.62 -15.10 34.34
N ALA B 255 -23.75 -14.75 33.73
CA ALA B 255 -23.90 -13.49 33.01
C ALA B 255 -23.78 -12.30 33.94
N PHE B 256 -24.45 -12.37 35.10
CA PHE B 256 -24.37 -11.30 36.09
C PHE B 256 -22.94 -11.13 36.61
N LEU B 257 -22.28 -12.25 36.89
CA LEU B 257 -20.89 -12.24 37.34
C LEU B 257 -20.00 -11.54 36.31
N ASN B 258 -20.09 -11.98 35.07
CA ASN B 258 -19.31 -11.37 33.99
C ASN B 258 -19.57 -9.87 33.84
N LEU B 259 -20.84 -9.49 33.86
CA LEU B 259 -21.23 -8.09 33.71
C LEU B 259 -20.66 -7.22 34.82
N VAL B 260 -20.88 -7.63 36.06
CA VAL B 260 -20.40 -6.89 37.22
C VAL B 260 -18.87 -6.80 37.21
N GLN B 261 -18.20 -7.90 36.83
CA GLN B 261 -16.76 -7.89 36.69
C GLN B 261 -16.30 -6.87 35.67
N CYS B 262 -17.02 -6.80 34.55
CA CYS B 262 -16.73 -5.82 33.50
C CYS B 262 -16.84 -4.40 34.02
N ILE B 263 -18.01 -4.10 34.59
CA ILE B 263 -18.29 -2.76 35.13
C ILE B 263 -17.27 -2.31 36.16
N GLN B 264 -16.99 -3.19 37.13
CA GLN B 264 -15.99 -2.90 38.15
C GLN B 264 -14.61 -2.70 37.53
N ASN B 265 -14.06 -3.78 36.98
CA ASN B 265 -12.73 -3.73 36.36
C ASN B 265 -12.67 -4.64 35.15
N LYS B 266 -13.02 -4.10 33.99
CA LYS B 266 -13.03 -4.86 32.74
C LYS B 266 -11.66 -5.44 32.32
N PRO B 267 -10.57 -4.64 32.42
CA PRO B 267 -9.27 -5.26 32.13
C PRO B 267 -8.94 -6.46 33.02
N LEU B 268 -9.23 -6.33 34.32
CA LEU B 268 -9.04 -7.43 35.26
C LEU B 268 -9.89 -8.62 34.85
N TYR B 269 -11.11 -8.35 34.40
CA TYR B 269 -12.02 -9.38 33.92
C TYR B 269 -11.40 -10.17 32.77
N PHE B 270 -10.88 -9.46 31.79
CA PHE B 270 -10.24 -10.10 30.64
C PHE B 270 -8.97 -10.86 31.03
N ALA B 271 -8.24 -10.34 32.02
CA ALA B 271 -7.05 -11.02 32.50
C ALA B 271 -7.41 -12.33 33.19
N ASP B 272 -8.50 -12.31 33.95
CA ASP B 272 -9.00 -13.51 34.61
C ASP B 272 -9.46 -14.54 33.59
N ARG B 273 -10.17 -14.09 32.57
CA ARG B 273 -10.63 -15.01 31.53
C ARG B 273 -9.46 -15.57 30.72
N LEU B 274 -8.40 -14.78 30.57
CA LEU B 274 -7.20 -15.25 29.89
C LEU B 274 -6.48 -16.30 30.73
N TYR B 275 -6.44 -16.07 32.04
CA TYR B 275 -5.83 -17.02 32.95
C TYR B 275 -6.59 -18.35 32.96
N ASP B 276 -7.92 -18.27 33.10
CA ASP B 276 -8.76 -19.46 33.16
C ASP B 276 -8.69 -20.28 31.86
N SER B 277 -8.33 -19.62 30.77
CA SER B 277 -8.26 -20.29 29.47
C SER B 277 -6.95 -21.06 29.30
N MET B 278 -6.01 -20.84 30.20
CA MET B 278 -4.69 -21.45 30.09
C MET B 278 -4.25 -22.17 31.36
N LYS B 279 -4.96 -21.94 32.45
CA LYS B 279 -4.55 -22.45 33.76
C LYS B 279 -4.52 -23.97 33.83
N GLY B 280 -5.46 -24.62 33.16
CA GLY B 280 -5.57 -26.07 33.22
C GLY B 280 -4.85 -26.76 32.09
N LYS B 281 -5.07 -28.07 31.97
CA LYS B 281 -4.48 -28.85 30.90
C LYS B 281 -4.99 -28.38 29.54
N GLY B 282 -4.12 -28.40 28.54
CA GLY B 282 -4.48 -27.93 27.22
C GLY B 282 -4.65 -26.43 27.17
N THR B 283 -5.57 -25.96 26.33
CA THR B 283 -5.80 -24.53 26.17
C THR B 283 -7.19 -24.25 25.62
N ARG B 284 -7.89 -23.30 26.23
CA ARG B 284 -9.16 -22.83 25.70
C ARG B 284 -8.85 -21.84 24.58
N ASP B 285 -8.45 -22.37 23.43
CA ASP B 285 -7.90 -21.58 22.34
C ASP B 285 -8.87 -20.55 21.76
N LYS B 286 -10.15 -20.90 21.70
CA LYS B 286 -11.16 -19.99 21.18
C LYS B 286 -11.18 -18.69 21.97
N VAL B 287 -11.24 -18.81 23.30
CA VAL B 287 -11.28 -17.66 24.18
C VAL B 287 -9.97 -16.87 24.15
N LEU B 288 -8.85 -17.57 24.21
CA LEU B 288 -7.54 -16.95 24.16
C LEU B 288 -7.38 -16.11 22.90
N ILE B 289 -7.60 -16.74 21.75
CA ILE B 289 -7.52 -16.05 20.47
C ILE B 289 -8.48 -14.86 20.42
N ARG B 290 -9.73 -15.09 20.81
CA ARG B 290 -10.74 -14.04 20.76
C ARG B 290 -10.34 -12.81 21.57
N ILE B 291 -9.84 -13.03 22.78
CA ILE B 291 -9.44 -11.93 23.65
C ILE B 291 -8.19 -11.23 23.12
N MET B 292 -7.21 -12.01 22.67
CA MET B 292 -5.96 -11.45 22.17
C MET B 292 -6.17 -10.65 20.88
N VAL B 293 -7.23 -10.98 20.14
CA VAL B 293 -7.54 -10.27 18.92
C VAL B 293 -8.39 -9.02 19.18
N SER B 294 -9.49 -9.21 19.90
CA SER B 294 -10.49 -8.16 20.09
C SER B 294 -10.01 -7.01 20.99
N ARG B 295 -9.13 -7.32 21.93
CA ARG B 295 -8.69 -6.30 22.89
C ARG B 295 -7.27 -5.83 22.60
N SER B 296 -6.75 -6.18 21.43
CA SER B 296 -5.38 -5.83 21.07
C SER B 296 -5.19 -4.33 20.87
N GLU B 297 -6.23 -3.67 20.37
CA GLU B 297 -6.18 -2.23 20.13
C GLU B 297 -7.13 -1.46 21.05
N VAL B 298 -7.44 -2.05 22.19
CA VAL B 298 -8.36 -1.41 23.13
C VAL B 298 -7.70 -1.15 24.49
N ASP B 299 -7.53 -2.20 25.28
CA ASP B 299 -6.98 -2.06 26.63
C ASP B 299 -6.04 -3.20 26.98
N MET B 300 -5.27 -3.67 26.00
CA MET B 300 -4.38 -4.81 26.18
C MET B 300 -3.29 -4.53 27.21
N LEU B 301 -2.80 -3.30 27.24
CA LEU B 301 -1.77 -2.89 28.19
C LEU B 301 -2.26 -3.02 29.63
N LYS B 302 -3.48 -2.55 29.87
CA LYS B 302 -4.08 -2.63 31.20
C LYS B 302 -4.31 -4.08 31.62
N ILE B 303 -4.73 -4.91 30.67
CA ILE B 303 -4.94 -6.33 30.92
C ILE B 303 -3.61 -6.98 31.31
N ARG B 304 -2.55 -6.64 30.60
CA ARG B 304 -1.21 -7.12 30.92
C ARG B 304 -0.81 -6.70 32.32
N SER B 305 -1.08 -5.44 32.66
CA SER B 305 -0.71 -4.89 33.96
C SER B 305 -1.41 -5.62 35.11
N GLU B 306 -2.74 -5.71 35.03
CA GLU B 306 -3.54 -6.41 36.03
C GLU B 306 -3.12 -7.88 36.14
N PHE B 307 -2.85 -8.48 34.98
CA PHE B 307 -2.42 -9.87 34.92
C PHE B 307 -1.12 -10.08 35.71
N LYS B 308 -0.13 -9.22 35.44
CA LYS B 308 1.16 -9.34 36.12
C LYS B 308 1.00 -9.06 37.61
N ARG B 309 0.11 -8.14 37.96
CA ARG B 309 -0.07 -7.77 39.35
C ARG B 309 -0.75 -8.89 40.13
N LYS B 310 -1.59 -9.67 39.46
CA LYS B 310 -2.37 -10.71 40.13
C LYS B 310 -1.69 -12.08 40.15
N TYR B 311 -1.10 -12.48 39.02
CA TYR B 311 -0.60 -13.84 38.87
C TYR B 311 0.92 -13.98 38.91
N GLY B 312 1.61 -12.90 39.29
CA GLY B 312 3.05 -12.95 39.47
C GLY B 312 3.86 -12.77 38.19
N LYS B 313 3.63 -13.66 37.23
CA LYS B 313 4.34 -13.60 35.96
C LYS B 313 3.50 -12.88 34.90
N SER B 314 4.13 -12.49 33.79
CA SER B 314 3.44 -11.76 32.74
C SER B 314 2.52 -12.66 31.93
N LEU B 315 1.62 -12.04 31.16
CA LEU B 315 0.75 -12.78 30.25
C LEU B 315 1.58 -13.43 29.15
N TYR B 316 2.61 -12.70 28.72
CA TYR B 316 3.59 -13.19 27.74
C TYR B 316 4.15 -14.54 28.16
N TYR B 317 4.39 -14.70 29.45
CA TYR B 317 4.95 -15.92 30.01
C TYR B 317 4.01 -17.11 29.86
N TYR B 318 2.76 -16.92 30.28
CA TYR B 318 1.76 -17.99 30.20
C TYR B 318 1.44 -18.36 28.75
N ILE B 319 1.31 -17.35 27.89
CA ILE B 319 1.11 -17.58 26.46
C ILE B 319 2.28 -18.37 25.89
N GLN B 320 3.49 -18.00 26.29
CA GLN B 320 4.70 -18.68 25.86
C GLN B 320 4.67 -20.16 26.25
N GLN B 321 4.33 -20.42 27.51
CA GLN B 321 4.36 -21.78 28.03
C GLN B 321 3.20 -22.65 27.55
N ASP B 322 2.12 -22.03 27.09
CA ASP B 322 0.93 -22.79 26.74
C ASP B 322 0.68 -22.90 25.22
N THR B 323 1.48 -22.19 24.43
CA THR B 323 1.36 -22.27 22.97
C THR B 323 2.71 -22.49 22.30
N LYS B 324 2.70 -23.09 21.13
CA LYS B 324 3.92 -23.35 20.38
C LYS B 324 3.82 -22.90 18.93
N GLY B 325 4.97 -22.63 18.31
CA GLY B 325 5.04 -22.32 16.90
C GLY B 325 4.67 -20.89 16.53
N ASP B 326 4.37 -20.69 15.25
CA ASP B 326 3.99 -19.39 14.71
C ASP B 326 2.69 -18.91 15.34
N TYR B 327 1.90 -19.86 15.85
CA TYR B 327 0.74 -19.55 16.68
C TYR B 327 1.18 -18.74 17.89
N GLN B 328 2.13 -19.31 18.63
CA GLN B 328 2.72 -18.65 19.79
C GLN B 328 3.31 -17.30 19.40
N LYS B 329 4.06 -17.27 18.30
CA LYS B 329 4.66 -16.03 17.83
C LYS B 329 3.61 -14.93 17.61
N ALA B 330 2.54 -15.28 16.91
CA ALA B 330 1.45 -14.35 16.63
C ALA B 330 0.80 -13.85 17.90
N LEU B 331 0.54 -14.76 18.84
CA LEU B 331 -0.06 -14.38 20.11
C LEU B 331 0.85 -13.46 20.92
N LEU B 332 2.16 -13.67 20.82
CA LEU B 332 3.12 -12.84 21.53
C LEU B 332 3.20 -11.46 20.91
N TYR B 333 3.11 -11.39 19.59
CA TYR B 333 3.08 -10.10 18.91
C TYR B 333 1.82 -9.32 19.27
N LEU B 334 0.69 -10.04 19.35
CA LEU B 334 -0.56 -9.40 19.77
C LEU B 334 -0.49 -8.98 21.23
N CYS B 335 0.28 -9.71 22.03
CA CYS B 335 0.44 -9.39 23.44
C CYS B 335 1.27 -8.12 23.62
N GLY B 336 2.37 -8.02 22.87
CA GLY B 336 3.22 -6.86 22.93
C GLY B 336 4.30 -6.97 23.99
N GLY B 337 5.48 -6.45 23.68
CA GLY B 337 6.60 -6.45 24.62
C GLY B 337 7.46 -7.69 24.49
N ASP B 338 8.66 -7.63 25.04
CA ASP B 338 9.59 -8.76 25.02
C ASP B 338 9.47 -9.55 26.32
N ASP B 339 8.75 -8.96 27.27
CA ASP B 339 8.52 -9.47 28.64
C ASP B 339 8.85 -10.94 28.90
CA CA C . 31.00 19.36 -19.51
CA CA D . -1.97 25.76 -2.55
CA CA E . 34.12 -4.22 -22.04
CA CA F . -32.64 -14.07 48.98
CA CA G . -2.61 -24.91 29.75
CA CA H . 6.25 -23.17 5.90
#